data_1ZT7
#
_entry.id   1ZT7
#
_cell.length_a   85.135
_cell.length_b   72.628
_cell.length_c   88.793
_cell.angle_alpha   90.00
_cell.angle_beta   111.24
_cell.angle_gamma   90.00
#
_symmetry.space_group_name_H-M   'P 1 2 1'
#
loop_
_entity.id
_entity.type
_entity.pdbx_description
1 polymer 'H-2 class I histocompatibility antigen, K-K alpha chain'
2 polymer Beta-2-microglobulin
3 polymer 'SV40 epitope, SEFLLEKRI'
4 water water
#
loop_
_entity_poly.entity_id
_entity_poly.type
_entity_poly.pdbx_seq_one_letter_code
_entity_poly.pdbx_strand_id
1 'polypeptide(L)'
;MGPHSLRYFHTAVSRPGLGKPRFISVGYVDDTQFVRFDSDAENPRYEPRVRWMEQVEPEYWERNTQIAKGNEQIFRVNLR
TALRYYNQSAGGSHTFQRMYGCEVGSDWRLLRGYEQYAYDGCDYIALNEDLKTWTAADMAALITKHKWEQAGDAERDRAY
LEGTCVEWLRRYLQLGNATLPRTDSPKAHVTRHSRPEDKVTLRCWALGFYPADITLTWQLNGEELTQDMELVETRPAGDG
TFQKWASVVVPLGKEQYYTCHVYHQGLPEPLTLRWE
;
A,C
2 'polypeptide(L)'
;MIQKTPQIQVYSRHPPENGKPNILNCYVTQFHPPHIEIQMLKNGKKIPKVEMSDMSFSKDWSFYILAHTEFTPTETDTYA
CRVKHDSMAEPKTVYWDRDM
;
B,D
3 'polypeptide(L)' SEFLLEKRI P,Q
#
# COMPACT_ATOMS: atom_id res chain seq x y z
N GLY A 2 12.72 0.20 44.05
CA GLY A 2 12.93 -0.32 42.65
C GLY A 2 14.38 -0.19 42.21
N PRO A 3 14.81 -1.02 41.25
CA PRO A 3 16.21 -1.10 40.82
C PRO A 3 16.58 -0.07 39.74
N HIS A 4 17.78 0.49 39.87
CA HIS A 4 18.33 1.52 38.99
C HIS A 4 19.80 1.25 38.70
N SER A 5 20.45 2.17 37.98
CA SER A 5 21.90 2.11 37.79
C SER A 5 22.52 3.45 37.36
N LEU A 6 23.83 3.53 37.52
CA LEU A 6 24.63 4.64 37.04
C LEU A 6 25.74 4.03 36.16
N ARG A 7 25.80 4.41 34.88
CA ARG A 7 26.68 3.77 33.91
C ARG A 7 27.29 4.80 32.96
N TYR A 8 28.60 4.71 32.75
CA TYR A 8 29.33 5.62 31.86
C TYR A 8 29.99 4.78 30.77
N PHE A 9 29.99 5.30 29.55
CA PHE A 9 30.49 4.58 28.39
C PHE A 9 31.58 5.42 27.72
N HIS A 10 32.81 4.91 27.74
CA HIS A 10 33.92 5.58 27.07
C HIS A 10 34.07 4.93 25.70
N THR A 11 34.40 5.75 24.70
CA THR A 11 34.62 5.28 23.34
C THR A 11 35.80 6.08 22.77
N ALA A 12 36.91 5.42 22.47
CA ALA A 12 38.03 6.07 21.77
C ALA A 12 38.31 5.42 20.40
N VAL A 13 38.41 6.22 19.33
CA VAL A 13 38.74 5.69 17.99
C VAL A 13 40.01 6.34 17.44
N SER A 14 40.95 5.53 16.96
CA SER A 14 42.18 6.11 16.39
C SER A 14 41.92 6.48 14.95
N ARG A 15 42.52 7.58 14.50
CA ARG A 15 42.31 8.08 13.13
C ARG A 15 43.61 8.65 12.56
N PRO A 16 44.49 7.78 12.08
CA PRO A 16 45.81 8.20 11.59
C PRO A 16 45.75 9.04 10.33
N GLY A 17 46.68 9.99 10.22
CA GLY A 17 46.65 11.00 9.19
C GLY A 17 45.76 12.17 9.60
N LEU A 18 44.58 11.86 10.13
CA LEU A 18 43.56 12.84 10.49
C LEU A 18 43.69 13.33 11.94
N GLY A 19 44.90 13.29 12.50
CA GLY A 19 45.15 13.81 13.83
C GLY A 19 44.93 12.79 14.93
N LYS A 20 44.66 13.28 16.14
CA LYS A 20 44.60 12.43 17.33
C LYS A 20 43.24 11.72 17.47
N PRO A 21 43.24 10.55 18.12
CA PRO A 21 42.02 9.81 18.46
C PRO A 21 40.88 10.62 19.03
N ARG A 22 39.65 10.23 18.71
CA ARG A 22 38.44 10.90 19.20
C ARG A 22 37.86 10.19 20.43
N PHE A 23 37.86 10.88 21.57
CA PHE A 23 37.33 10.35 22.81
C PHE A 23 35.95 10.91 23.11
N ILE A 24 35.07 10.07 23.67
CA ILE A 24 33.68 10.41 23.93
C ILE A 24 33.21 9.68 25.18
N SER A 25 33.02 10.38 26.30
CA SER A 25 32.31 9.78 27.44
C SER A 25 30.87 10.23 27.46
N VAL A 26 30.03 9.37 28.00
CA VAL A 26 28.61 9.63 28.08
C VAL A 26 28.01 8.87 29.27
N GLY A 27 27.36 9.61 30.16
CA GLY A 27 26.72 9.05 31.32
C GLY A 27 25.28 8.70 31.04
N TYR A 28 24.72 7.87 31.93
CA TYR A 28 23.37 7.35 31.78
C TYR A 28 22.86 6.98 33.16
N VAL A 29 21.80 7.66 33.62
CA VAL A 29 21.06 7.21 34.80
C VAL A 29 19.95 6.37 34.24
N ASP A 30 20.02 5.07 34.48
CA ASP A 30 19.11 4.07 33.91
C ASP A 30 19.35 4.01 32.40
N ASP A 31 18.31 4.31 31.61
CA ASP A 31 18.45 4.41 30.16
C ASP A 31 18.44 5.86 29.74
N THR A 32 18.08 6.75 30.67
CA THR A 32 18.18 8.19 30.44
C THR A 32 19.63 8.66 30.52
N GLN A 33 20.04 9.43 29.51
CA GLN A 33 21.40 9.98 29.40
C GLN A 33 21.46 11.34 30.05
N PHE A 34 22.46 11.57 30.88
CA PHE A 34 22.49 12.78 31.67
C PHE A 34 23.71 13.68 31.42
N VAL A 35 24.79 13.13 30.89
CA VAL A 35 26.01 13.94 30.67
C VAL A 35 26.79 13.49 29.45
N ARG A 36 27.87 14.21 29.15
CA ARG A 36 28.69 13.94 27.99
C ARG A 36 30.07 14.60 28.04
N PHE A 37 31.01 14.02 27.29
CA PHE A 37 32.27 14.69 26.97
C PHE A 37 32.72 14.19 25.60
N ASP A 38 32.99 15.12 24.69
CA ASP A 38 33.39 14.77 23.32
C ASP A 38 34.54 15.65 22.80
N SER A 39 35.74 15.09 22.86
CA SER A 39 36.97 15.71 22.36
C SER A 39 36.95 16.31 20.96
N ASP A 40 35.89 16.01 20.19
CA ASP A 40 35.62 16.58 18.86
C ASP A 40 35.10 18.02 19.01
N ALA A 41 35.85 18.87 19.70
CA ALA A 41 35.28 20.15 20.16
C ALA A 41 36.28 21.31 20.25
N GLU A 42 35.69 22.50 20.39
CA GLU A 42 36.39 23.80 20.40
C GLU A 42 37.44 23.83 21.54
N ASN A 43 36.91 23.90 22.76
CA ASN A 43 37.62 23.58 23.98
C ASN A 43 36.65 22.65 24.70
N PRO A 44 36.80 21.34 24.53
CA PRO A 44 35.83 20.38 25.08
C PRO A 44 35.56 20.58 26.55
N ARG A 45 34.37 20.24 27.00
CA ARG A 45 34.09 20.13 28.42
C ARG A 45 32.83 19.32 28.73
N TYR A 46 32.74 18.86 29.97
CA TYR A 46 31.61 18.08 30.45
C TYR A 46 30.36 18.94 30.41
N GLU A 47 29.33 18.47 29.71
CA GLU A 47 28.07 19.21 29.62
C GLU A 47 26.91 18.34 30.07
N PRO A 48 25.82 18.95 30.53
CA PRO A 48 24.61 18.18 30.85
C PRO A 48 23.98 17.70 29.58
N ARG A 49 23.05 16.76 29.68
CA ARG A 49 22.20 16.37 28.55
C ARG A 49 20.75 16.27 29.00
N VAL A 50 20.44 16.93 30.10
CA VAL A 50 19.07 17.07 30.60
C VAL A 50 18.93 18.35 31.40
N ARG A 51 17.74 18.93 31.36
CA ARG A 51 17.47 20.15 32.12
C ARG A 51 17.68 19.95 33.61
N TRP A 52 17.57 18.70 34.11
CA TRP A 52 17.79 18.48 35.53
C TRP A 52 19.26 18.57 35.96
N MET A 53 20.21 18.23 35.09
CA MET A 53 21.65 18.34 35.45
C MET A 53 22.18 19.78 35.49
N GLU A 54 21.42 20.72 34.93
CA GLU A 54 21.74 22.16 34.99
C GLU A 54 21.73 22.77 36.41
N GLN A 55 21.15 22.05 37.37
CA GLN A 55 21.03 22.55 38.74
C GLN A 55 22.21 22.16 39.65
N VAL A 56 23.12 21.29 39.20
CA VAL A 56 24.29 20.93 40.04
C VAL A 56 25.33 22.07 40.14
N GLU A 57 26.06 22.05 41.26
CA GLU A 57 27.16 23.01 41.56
C GLU A 57 28.16 23.12 40.42
N PRO A 58 28.56 24.32 40.03
CA PRO A 58 29.49 24.48 38.91
C PRO A 58 30.84 23.83 39.11
N GLU A 59 31.25 23.63 40.36
CA GLU A 59 32.47 22.90 40.63
C GLU A 59 32.40 21.51 40.00
N TYR A 60 31.21 20.91 39.97
CA TYR A 60 30.96 19.60 39.32
C TYR A 60 31.51 19.44 37.89
N TRP A 61 31.39 20.48 37.07
CA TRP A 61 31.75 20.36 35.66
C TRP A 61 33.26 20.45 35.50
N GLU A 62 33.86 21.46 36.14
CA GLU A 62 35.32 21.59 36.17
C GLU A 62 36.01 20.28 36.54
N ARG A 63 35.46 19.57 37.52
CA ARG A 63 36.00 18.28 37.96
C ARG A 63 35.94 17.25 36.84
N ASN A 64 34.73 17.03 36.31
CA ASN A 64 34.54 15.97 35.31
C ASN A 64 35.17 16.30 33.97
N THR A 65 35.49 17.60 33.77
CA THR A 65 36.14 18.04 32.54
C THR A 65 37.59 17.64 32.58
N GLN A 66 38.25 17.95 33.69
CA GLN A 66 39.64 17.63 33.87
C GLN A 66 39.82 16.13 34.09
N ILE A 67 38.89 15.49 34.76
CA ILE A 67 38.96 14.02 34.91
C ILE A 67 38.87 13.31 33.54
N ALA A 68 37.94 13.76 32.69
CA ALA A 68 37.69 13.12 31.38
C ALA A 68 38.83 13.39 30.41
N LYS A 69 39.33 14.62 30.39
CA LYS A 69 40.58 14.95 29.68
C LYS A 69 41.72 14.01 30.07
N GLY A 70 41.78 13.64 31.35
CA GLY A 70 42.71 12.65 31.84
C GLY A 70 42.46 11.31 31.17
N ASN A 71 41.27 10.76 31.37
CA ASN A 71 40.90 9.49 30.74
C ASN A 71 41.08 9.47 29.22
N GLU A 72 40.81 10.60 28.57
CA GLU A 72 40.95 10.73 27.12
C GLU A 72 42.40 10.50 26.78
N GLN A 73 43.29 11.14 27.54
CA GLN A 73 44.73 11.01 27.32
C GLN A 73 45.20 9.60 27.69
N ILE A 74 44.53 9.01 28.66
CA ILE A 74 44.82 7.65 29.07
C ILE A 74 44.40 6.64 27.99
N PHE A 75 43.33 6.94 27.25
CA PHE A 75 42.84 6.01 26.23
C PHE A 75 43.66 6.07 24.94
N ARG A 76 44.40 7.15 24.77
CA ARG A 76 45.37 7.25 23.68
C ARG A 76 46.51 6.25 23.93
N VAL A 77 46.79 6.03 25.22
CA VAL A 77 47.85 5.10 25.64
C VAL A 77 47.42 3.64 25.53
N ASN A 78 46.17 3.36 25.87
CA ASN A 78 45.63 2.02 25.74
C ASN A 78 45.52 1.61 24.27
N LEU A 79 45.32 2.58 23.39
CA LEU A 79 45.24 2.32 21.96
C LEU A 79 46.61 1.97 21.37
N ARG A 80 47.64 2.75 21.69
CA ARG A 80 49.00 2.52 21.13
C ARG A 80 49.64 1.30 21.78
N THR A 81 49.22 1.00 23.01
CA THR A 81 49.65 -0.20 23.68
C THR A 81 48.98 -1.44 23.06
N ALA A 82 47.72 -1.28 22.65
CA ALA A 82 46.99 -2.38 22.01
C ALA A 82 47.62 -2.68 20.67
N LEU A 83 48.22 -1.67 20.04
CA LEU A 83 48.91 -1.84 18.77
C LEU A 83 50.13 -2.74 18.96
N ARG A 84 50.90 -2.49 20.03
CA ARG A 84 52.08 -3.29 20.35
C ARG A 84 51.72 -4.76 20.67
N TYR A 85 50.60 -4.97 21.38
CA TYR A 85 50.17 -6.30 21.83
C TYR A 85 49.70 -7.17 20.66
N TYR A 86 48.65 -6.71 19.98
CA TYR A 86 48.09 -7.42 18.85
C TYR A 86 49.02 -7.29 17.64
N ASN A 87 50.20 -6.72 17.86
CA ASN A 87 51.26 -6.65 16.87
C ASN A 87 50.80 -5.99 15.58
N GLN A 88 49.86 -5.08 15.72
CA GLN A 88 49.23 -4.39 14.60
C GLN A 88 50.14 -3.26 14.10
N SER A 89 49.55 -2.18 13.63
CA SER A 89 50.32 -1.05 13.10
C SER A 89 49.45 0.18 12.94
N ALA A 90 50.06 1.36 13.11
CA ALA A 90 49.35 2.62 12.88
C ALA A 90 48.98 2.77 11.41
N GLY A 91 48.28 3.85 11.09
CA GLY A 91 47.65 3.99 9.79
C GLY A 91 46.19 3.61 9.92
N GLY A 92 45.93 2.43 10.50
CA GLY A 92 44.59 1.89 10.61
C GLY A 92 43.75 2.51 11.71
N SER A 93 42.46 2.20 11.72
CA SER A 93 41.54 2.66 12.76
C SER A 93 41.19 1.48 13.67
N HIS A 94 41.49 1.64 14.95
CA HIS A 94 41.04 0.72 15.98
C HIS A 94 40.29 1.51 17.05
N THR A 95 39.30 0.91 17.68
CA THR A 95 38.53 1.62 18.69
C THR A 95 38.52 0.89 20.00
N PHE A 96 38.38 1.65 21.08
CA PHE A 96 38.26 1.11 22.43
C PHE A 96 36.90 1.50 22.99
N GLN A 97 36.25 0.57 23.67
CA GLN A 97 35.00 0.80 24.37
C GLN A 97 35.26 0.43 25.81
N ARG A 98 34.50 1.00 26.74
CA ARG A 98 34.68 0.67 28.14
C ARG A 98 33.47 1.09 28.97
N MET A 99 32.71 0.10 29.42
CA MET A 99 31.54 0.32 30.26
C MET A 99 31.90 0.08 31.73
N TYR A 100 31.76 1.10 32.57
CA TYR A 100 31.93 0.95 34.01
C TYR A 100 30.78 1.65 34.77
N GLY A 101 30.42 1.14 35.94
CA GLY A 101 29.28 1.68 36.66
C GLY A 101 28.62 0.76 37.66
N CYS A 102 27.79 1.35 38.51
CA CYS A 102 27.12 0.65 39.60
C CYS A 102 25.77 0.14 39.16
N GLU A 103 25.29 -0.85 39.89
CA GLU A 103 23.95 -1.38 39.74
C GLU A 103 23.37 -1.62 41.12
N VAL A 104 22.20 -1.05 41.35
CA VAL A 104 21.50 -1.15 42.63
C VAL A 104 20.15 -1.82 42.44
N GLY A 105 19.64 -2.42 43.51
CA GLY A 105 18.42 -3.23 43.48
C GLY A 105 17.26 -2.54 44.19
N SER A 106 16.64 -3.25 45.13
CA SER A 106 15.57 -2.67 45.95
C SER A 106 16.12 -2.11 47.26
N ASP A 107 17.37 -1.65 47.23
CA ASP A 107 18.03 -1.01 48.38
C ASP A 107 19.28 -0.21 47.96
N TRP A 108 19.71 0.71 48.80
CA TRP A 108 20.90 1.52 48.50
C TRP A 108 22.15 0.76 48.95
N ARG A 109 22.52 -0.24 48.15
CA ARG A 109 23.69 -1.07 48.40
C ARG A 109 24.02 -1.81 47.09
N LEU A 110 25.27 -1.68 46.64
CA LEU A 110 25.67 -2.21 45.34
C LEU A 110 25.29 -3.67 45.16
N LEU A 111 24.60 -3.95 44.06
CA LEU A 111 24.17 -5.29 43.66
C LEU A 111 25.25 -5.96 42.81
N ARG A 112 25.62 -5.29 41.71
CA ARG A 112 26.79 -5.65 40.89
C ARG A 112 27.51 -4.39 40.42
N GLY A 113 28.85 -4.45 40.36
CA GLY A 113 29.66 -3.37 39.82
C GLY A 113 30.22 -3.79 38.48
N TYR A 114 30.67 -2.81 37.69
CA TYR A 114 31.17 -3.07 36.33
C TYR A 114 32.44 -2.29 36.02
N GLU A 115 33.24 -2.85 35.11
CA GLU A 115 34.47 -2.25 34.62
C GLU A 115 35.02 -3.22 33.60
N GLN A 116 34.79 -2.94 32.33
CA GLN A 116 35.07 -3.90 31.26
C GLN A 116 35.48 -3.16 29.98
N TYR A 117 36.40 -3.75 29.20
CA TYR A 117 36.90 -3.12 27.98
C TYR A 117 36.66 -4.00 26.75
N ALA A 118 36.32 -3.37 25.61
CA ALA A 118 36.24 -4.05 24.33
C ALA A 118 37.19 -3.43 23.31
N TYR A 119 37.88 -4.28 22.54
CA TYR A 119 38.80 -3.84 21.49
C TYR A 119 38.47 -4.39 20.10
N ASP A 120 38.03 -3.50 19.22
CA ASP A 120 37.65 -3.86 17.85
C ASP A 120 36.45 -4.82 17.78
N GLY A 121 35.45 -4.52 18.60
CA GLY A 121 34.21 -5.28 18.59
C GLY A 121 34.30 -6.60 19.30
N CYS A 122 35.24 -6.71 20.24
CA CYS A 122 35.47 -7.95 20.97
C CYS A 122 35.90 -7.68 22.39
N ASP A 123 35.36 -8.47 23.32
CA ASP A 123 35.74 -8.30 24.71
C ASP A 123 37.26 -8.36 24.83
N TYR A 124 37.79 -7.65 25.82
CA TYR A 124 39.21 -7.61 26.07
C TYR A 124 39.42 -8.07 27.52
N ILE A 125 39.10 -7.21 28.48
CA ILE A 125 39.25 -7.51 29.90
C ILE A 125 37.95 -7.20 30.65
N ALA A 126 37.77 -7.82 31.82
CA ALA A 126 36.52 -7.68 32.58
C ALA A 126 36.70 -7.92 34.08
N LEU A 127 36.52 -6.86 34.86
CA LEU A 127 36.43 -6.99 36.31
C LEU A 127 35.23 -7.88 36.58
N ASN A 128 35.47 -8.98 37.31
CA ASN A 128 34.44 -9.93 37.70
C ASN A 128 33.58 -9.38 38.84
N GLU A 129 32.50 -10.10 39.14
CA GLU A 129 31.42 -9.60 40.01
C GLU A 129 31.87 -9.35 41.45
N ASP A 130 32.95 -10.01 41.88
CA ASP A 130 33.49 -9.81 43.23
C ASP A 130 34.32 -8.54 43.35
N LEU A 131 34.67 -7.98 42.20
CA LEU A 131 35.32 -6.68 42.10
C LEU A 131 36.80 -6.69 42.52
N LYS A 132 37.42 -7.87 42.50
CA LYS A 132 38.86 -7.99 42.77
C LYS A 132 39.57 -9.08 41.95
N THR A 133 38.88 -9.64 40.95
CA THR A 133 39.48 -10.62 40.03
C THR A 133 39.23 -10.18 38.60
N TRP A 134 39.88 -10.82 37.62
CA TRP A 134 39.78 -10.38 36.21
C TRP A 134 39.47 -11.54 35.24
N THR A 135 38.99 -11.20 34.05
CA THR A 135 38.72 -12.14 32.98
C THR A 135 39.27 -11.57 31.69
N ALA A 136 40.15 -12.33 31.03
CA ALA A 136 40.73 -11.91 29.75
C ALA A 136 40.21 -12.81 28.65
N ALA A 137 39.93 -12.22 27.49
CA ALA A 137 39.29 -12.94 26.38
C ALA A 137 40.31 -13.75 25.58
N ASP A 138 41.46 -13.15 25.31
CA ASP A 138 42.55 -13.83 24.60
C ASP A 138 43.90 -13.72 25.34
N MET A 139 45.00 -13.94 24.64
CA MET A 139 46.33 -13.92 25.27
C MET A 139 46.93 -12.51 25.39
N ALA A 140 46.53 -11.59 24.53
CA ALA A 140 46.93 -10.20 24.63
C ALA A 140 46.39 -9.56 25.92
N ALA A 141 45.14 -9.85 26.23
CA ALA A 141 44.47 -9.34 27.41
C ALA A 141 44.99 -10.03 28.63
N LEU A 142 45.52 -11.22 28.43
CA LEU A 142 46.17 -11.94 29.52
C LEU A 142 47.35 -11.14 30.12
N ILE A 143 48.09 -10.43 29.26
CA ILE A 143 49.22 -9.61 29.71
C ILE A 143 48.74 -8.42 30.56
N THR A 144 47.53 -7.94 30.27
CA THR A 144 46.91 -6.88 31.06
C THR A 144 46.41 -7.41 32.41
N LYS A 145 45.56 -8.42 32.37
CA LYS A 145 45.14 -9.11 33.57
C LYS A 145 46.29 -9.24 34.61
N HIS A 146 47.47 -9.69 34.18
CA HIS A 146 48.61 -9.90 35.11
C HIS A 146 49.10 -8.57 35.69
N LYS A 147 49.32 -7.59 34.82
CA LYS A 147 49.73 -6.24 35.23
C LYS A 147 48.79 -5.75 36.33
N TRP A 148 47.51 -5.93 36.11
CA TRP A 148 46.48 -5.49 37.06
C TRP A 148 46.42 -6.37 38.34
N GLU A 149 46.79 -7.65 38.23
CA GLU A 149 46.67 -8.60 39.32
C GLU A 149 47.78 -8.44 40.37
N GLN A 150 49.00 -8.27 39.87
CA GLN A 150 50.19 -8.08 40.68
C GLN A 150 50.17 -6.70 41.36
N ALA A 151 49.69 -5.70 40.64
CA ALA A 151 49.61 -4.35 41.17
C ALA A 151 48.50 -4.23 42.21
N GLY A 152 47.39 -4.91 41.99
CA GLY A 152 46.19 -4.74 42.80
C GLY A 152 45.32 -3.59 42.33
N ASP A 153 45.25 -3.38 41.02
CA ASP A 153 44.60 -2.19 40.46
C ASP A 153 43.08 -2.19 40.57
N ALA A 154 42.49 -3.35 40.85
CA ALA A 154 41.05 -3.43 41.06
C ALA A 154 40.63 -2.76 42.39
N GLU A 155 41.58 -2.51 43.30
CA GLU A 155 41.29 -1.87 44.59
C GLU A 155 40.71 -0.48 44.39
N ARG A 156 41.09 0.17 43.29
CA ARG A 156 40.60 1.51 42.96
C ARG A 156 39.17 1.49 42.37
N ASP A 157 38.88 0.53 41.49
CA ASP A 157 37.53 0.35 40.94
C ASP A 157 36.57 -0.11 42.03
N ARG A 158 37.03 -1.06 42.83
CA ARG A 158 36.21 -1.62 43.89
C ARG A 158 35.77 -0.50 44.80
N ALA A 159 36.71 0.39 45.13
CA ALA A 159 36.46 1.48 46.06
C ALA A 159 35.49 2.51 45.48
N TYR A 160 35.58 2.78 44.18
CA TYR A 160 34.66 3.70 43.50
C TYR A 160 33.27 3.11 43.38
N LEU A 161 33.21 1.86 42.93
CA LEU A 161 31.93 1.21 42.61
C LEU A 161 31.10 0.90 43.85
N GLU A 162 31.75 0.32 44.84
CA GLU A 162 31.10 0.01 46.12
C GLU A 162 30.66 1.31 46.81
N GLY A 163 31.50 2.34 46.67
CA GLY A 163 31.32 3.63 47.33
C GLY A 163 30.87 4.68 46.35
N THR A 164 31.63 5.77 46.23
CA THR A 164 31.25 6.95 45.43
C THR A 164 30.14 6.78 44.40
N CYS A 165 30.21 5.69 43.64
CA CYS A 165 29.24 5.39 42.57
C CYS A 165 27.78 5.33 43.03
N VAL A 166 27.54 4.58 44.10
CA VAL A 166 26.19 4.38 44.66
C VAL A 166 25.68 5.64 45.30
N GLU A 167 26.54 6.41 45.94
CA GLU A 167 26.16 7.70 46.52
C GLU A 167 25.63 8.68 45.44
N TRP A 168 26.23 8.61 44.25
CA TRP A 168 25.95 9.57 43.18
C TRP A 168 24.72 9.18 42.38
N LEU A 169 24.41 7.89 42.36
CA LEU A 169 23.17 7.42 41.70
C LEU A 169 21.98 7.86 42.54
N ARG A 170 22.10 7.68 43.86
CA ARG A 170 21.14 8.18 44.82
C ARG A 170 20.99 9.69 44.69
N ARG A 171 22.07 10.38 44.34
CA ARG A 171 22.04 11.83 44.15
C ARG A 171 21.29 12.19 42.87
N TYR A 172 21.58 11.47 41.78
CA TYR A 172 21.01 11.78 40.47
C TYR A 172 19.53 11.35 40.33
N LEU A 173 19.15 10.28 41.01
CA LEU A 173 17.76 9.83 41.00
C LEU A 173 16.87 10.78 41.81
N GLN A 174 17.49 11.50 42.74
CA GLN A 174 16.81 12.56 43.45
C GLN A 174 16.65 13.78 42.54
N LEU A 175 17.77 14.39 42.16
CA LEU A 175 17.78 15.55 41.26
C LEU A 175 16.74 15.42 40.14
N GLY A 176 16.79 14.28 39.45
CA GLY A 176 15.96 14.00 38.30
C GLY A 176 14.89 12.98 38.64
N ASN A 177 14.06 13.33 39.64
CA ASN A 177 12.95 12.48 40.08
C ASN A 177 11.63 12.84 39.40
N ALA A 178 11.55 14.02 38.81
CA ALA A 178 10.30 14.46 38.21
C ALA A 178 10.41 14.47 36.71
N THR A 179 11.04 13.43 36.15
CA THR A 179 11.26 13.34 34.70
C THR A 179 11.68 11.96 34.25
N LEU A 180 12.70 11.43 34.93
CA LEU A 180 13.19 10.08 34.71
C LEU A 180 12.01 9.09 34.63
N PRO A 181 11.91 8.38 33.51
CA PRO A 181 10.88 7.33 33.32
C PRO A 181 10.67 6.38 34.51
N ARG A 182 9.43 6.38 35.00
CA ARG A 182 8.99 5.42 36.00
C ARG A 182 8.40 4.30 35.20
N THR A 183 8.38 3.11 35.81
CA THR A 183 7.77 1.92 35.20
C THR A 183 6.37 2.23 34.67
N ASP A 184 6.15 1.95 33.39
CA ASP A 184 4.94 2.41 32.71
C ASP A 184 4.38 1.34 31.77
N SER A 185 3.06 1.16 31.81
CA SER A 185 2.40 0.02 31.16
C SER A 185 2.10 0.25 29.67
N PRO A 186 2.29 -0.78 28.84
CA PRO A 186 2.20 -0.63 27.38
C PRO A 186 0.78 -0.50 26.90
N LYS A 187 0.56 0.41 25.94
CA LYS A 187 -0.76 0.62 25.35
C LYS A 187 -0.79 -0.16 24.05
N ALA A 188 -1.74 -1.08 23.92
CA ALA A 188 -1.72 -2.06 22.83
C ALA A 188 -2.97 -2.06 21.95
N HIS A 189 -2.76 -2.15 20.64
CA HIS A 189 -3.84 -2.29 19.65
C HIS A 189 -3.38 -3.10 18.44
N VAL A 190 -4.35 -3.55 17.63
CA VAL A 190 -4.05 -4.37 16.44
C VAL A 190 -4.64 -3.76 15.17
N THR A 191 -3.78 -3.17 14.34
CA THR A 191 -4.16 -2.74 13.00
C THR A 191 -4.15 -3.92 12.02
N ARG A 192 -4.86 -3.76 10.90
CA ARG A 192 -4.79 -4.73 9.81
C ARG A 192 -4.56 -4.02 8.46
N HIS A 193 -3.80 -4.68 7.59
CA HIS A 193 -3.27 -4.08 6.37
C HIS A 193 -3.46 -5.03 5.21
N SER A 194 -4.33 -4.66 4.26
CA SER A 194 -4.73 -5.54 3.16
C SER A 194 -3.57 -5.89 2.20
N ARG A 195 -2.81 -6.92 2.59
CA ARG A 195 -1.58 -7.35 1.89
C ARG A 195 -1.91 -8.07 0.58
N PRO A 196 -1.16 -7.79 -0.49
CA PRO A 196 -1.44 -8.37 -1.82
C PRO A 196 -1.71 -9.89 -1.84
N GLU A 197 -2.81 -10.29 -2.49
CA GLU A 197 -3.18 -11.70 -2.72
C GLU A 197 -3.97 -12.32 -1.54
N ASP A 198 -5.27 -12.04 -1.49
CA ASP A 198 -6.26 -12.80 -0.68
C ASP A 198 -5.93 -13.08 0.81
N LYS A 199 -5.09 -12.25 1.42
CA LYS A 199 -4.76 -12.39 2.84
C LYS A 199 -4.35 -11.06 3.47
N VAL A 200 -4.98 -10.73 4.59
CA VAL A 200 -4.72 -9.48 5.31
C VAL A 200 -3.58 -9.65 6.32
N THR A 201 -2.82 -8.57 6.53
CA THR A 201 -1.70 -8.56 7.49
C THR A 201 -2.15 -7.97 8.81
N LEU A 202 -2.36 -8.82 9.82
CA LEU A 202 -2.63 -8.34 11.17
C LEU A 202 -1.32 -7.96 11.86
N ARG A 203 -1.17 -6.67 12.16
CA ARG A 203 -0.01 -6.17 12.94
C ARG A 203 -0.45 -5.80 14.35
N CYS A 204 0.41 -6.11 15.32
CA CYS A 204 0.11 -5.90 16.72
C CYS A 204 1.09 -4.93 17.38
N TRP A 205 0.56 -3.91 18.06
CA TRP A 205 1.36 -2.82 18.58
C TRP A 205 1.39 -2.74 20.11
N ALA A 206 2.40 -2.02 20.60
CA ALA A 206 2.61 -1.79 22.03
C ALA A 206 3.38 -0.48 22.15
N LEU A 207 2.82 0.52 22.84
CA LEU A 207 3.38 1.85 22.76
C LEU A 207 3.31 2.62 24.08
N GLY A 208 4.42 3.25 24.44
CA GLY A 208 4.50 4.09 25.61
C GLY A 208 4.73 3.28 26.85
N PHE A 209 5.79 2.48 26.85
CA PHE A 209 6.16 1.65 28.01
C PHE A 209 7.58 1.86 28.48
N TYR A 210 7.90 1.25 29.61
CA TYR A 210 9.21 1.38 30.25
C TYR A 210 9.22 0.36 31.41
N PRO A 211 10.28 -0.45 31.57
CA PRO A 211 11.45 -0.48 30.70
C PRO A 211 11.23 -1.21 29.38
N ALA A 212 12.22 -1.12 28.51
CA ALA A 212 12.19 -1.71 27.17
C ALA A 212 11.91 -3.21 27.10
N ASP A 213 12.06 -3.93 28.21
CA ASP A 213 11.92 -5.39 28.23
C ASP A 213 10.44 -5.84 28.12
N ILE A 214 10.05 -6.24 26.92
CA ILE A 214 8.66 -6.64 26.63
C ILE A 214 8.65 -7.92 25.79
N THR A 215 7.53 -8.63 25.82
CA THR A 215 7.32 -9.77 24.94
C THR A 215 6.02 -9.60 24.15
N LEU A 216 6.12 -9.58 22.82
CA LEU A 216 4.96 -9.65 21.93
C LEU A 216 4.95 -11.00 21.24
N THR A 217 3.84 -11.70 21.27
CA THR A 217 3.74 -12.94 20.49
C THR A 217 2.33 -13.10 19.90
N TRP A 218 2.27 -13.80 18.77
CA TRP A 218 0.99 -14.10 18.14
C TRP A 218 0.73 -15.57 18.34
N GLN A 219 -0.54 -15.89 18.57
CA GLN A 219 -1.00 -17.25 18.72
C GLN A 219 -2.20 -17.49 17.79
N LEU A 220 -2.28 -18.70 17.25
CA LEU A 220 -3.41 -19.14 16.45
C LEU A 220 -4.15 -20.14 17.27
N ASN A 221 -5.42 -19.85 17.54
CA ASN A 221 -6.34 -20.76 18.22
C ASN A 221 -5.78 -21.14 19.59
N GLY A 222 -5.24 -20.14 20.28
CA GLY A 222 -4.71 -20.31 21.62
C GLY A 222 -3.27 -20.78 21.76
N GLU A 223 -2.74 -21.45 20.75
CA GLU A 223 -1.44 -22.10 20.85
C GLU A 223 -0.38 -21.45 19.97
N GLU A 224 0.88 -21.86 20.18
CA GLU A 224 2.05 -21.29 19.51
C GLU A 224 1.86 -21.16 17.99
N LEU A 225 2.45 -20.12 17.40
CA LEU A 225 2.33 -19.92 15.97
C LEU A 225 3.34 -20.75 15.19
N THR A 226 2.96 -21.17 13.99
CA THR A 226 3.81 -21.99 13.14
C THR A 226 3.65 -21.60 11.67
N GLN A 227 3.39 -20.31 11.45
CA GLN A 227 3.57 -19.69 10.16
C GLN A 227 4.85 -18.85 10.38
N ASP A 228 4.83 -17.54 10.09
CA ASP A 228 5.93 -16.65 10.47
C ASP A 228 5.41 -15.28 10.93
N MET A 229 6.29 -14.51 11.58
CA MET A 229 5.93 -13.15 11.98
C MET A 229 7.13 -12.20 11.98
N GLU A 230 6.90 -10.98 11.48
CA GLU A 230 7.89 -9.90 11.52
C GLU A 230 7.98 -9.38 12.95
N LEU A 231 9.20 -9.11 13.42
CA LEU A 231 9.42 -8.67 14.80
C LEU A 231 10.57 -7.67 14.92
N VAL A 232 10.26 -6.37 14.88
CA VAL A 232 11.29 -5.33 14.98
C VAL A 232 11.70 -5.08 16.43
N GLU A 233 12.98 -4.82 16.64
CA GLU A 233 13.51 -4.71 17.99
C GLU A 233 12.91 -3.50 18.69
N THR A 234 12.75 -3.61 20.01
CA THR A 234 12.22 -2.55 20.86
C THR A 234 12.97 -1.30 20.51
N ARG A 235 12.27 -0.19 20.39
CA ARG A 235 12.90 1.01 19.87
C ARG A 235 12.50 2.21 20.69
N PRO A 236 13.42 3.16 20.82
CA PRO A 236 13.17 4.37 21.60
C PRO A 236 12.22 5.31 20.88
N ALA A 237 11.14 5.70 21.56
CA ALA A 237 10.23 6.74 21.10
C ALA A 237 10.94 8.07 21.09
N GLY A 238 11.70 8.32 22.16
CA GLY A 238 12.46 9.56 22.32
C GLY A 238 12.03 10.29 23.58
N ASP A 239 10.75 10.18 23.89
CA ASP A 239 10.21 10.76 25.12
C ASP A 239 10.54 9.97 26.39
N GLY A 240 11.31 8.89 26.25
CA GLY A 240 11.71 8.08 27.39
C GLY A 240 11.10 6.69 27.44
N THR A 241 10.06 6.47 26.63
CA THR A 241 9.34 5.20 26.55
C THR A 241 9.73 4.49 25.26
N PHE A 242 9.14 3.31 25.02
CA PHE A 242 9.55 2.45 23.92
C PHE A 242 8.39 1.92 23.04
N GLN A 243 8.77 1.34 21.91
CA GLN A 243 7.83 0.84 20.91
C GLN A 243 8.28 -0.50 20.29
N LYS A 244 7.36 -1.45 20.24
CA LYS A 244 7.57 -2.68 19.50
C LYS A 244 6.29 -3.07 18.79
N TRP A 245 6.42 -3.67 17.61
CA TRP A 245 5.29 -4.35 16.99
C TRP A 245 5.65 -5.78 16.55
N ALA A 246 4.61 -6.60 16.45
CA ALA A 246 4.71 -7.95 15.92
C ALA A 246 3.56 -8.18 14.96
N SER A 247 3.86 -8.79 13.82
CA SER A 247 2.88 -8.95 12.75
C SER A 247 2.91 -10.35 12.18
N VAL A 248 1.73 -10.98 12.17
CA VAL A 248 1.49 -12.25 11.51
C VAL A 248 0.53 -12.01 10.32
N VAL A 249 0.70 -12.81 9.25
CA VAL A 249 -0.12 -12.72 8.03
C VAL A 249 -1.14 -13.86 7.98
N VAL A 250 -2.41 -13.51 7.88
CA VAL A 250 -3.48 -14.48 7.95
C VAL A 250 -4.46 -14.34 6.76
N PRO A 251 -5.16 -15.41 6.42
CA PRO A 251 -6.17 -15.36 5.35
C PRO A 251 -7.37 -14.48 5.68
N LEU A 252 -8.01 -13.92 4.65
CA LEU A 252 -9.19 -13.08 4.84
C LEU A 252 -10.32 -13.86 5.50
N GLY A 253 -11.04 -13.21 6.43
CA GLY A 253 -12.10 -13.85 7.17
C GLY A 253 -11.66 -14.58 8.43
N LYS A 254 -10.43 -15.08 8.46
CA LYS A 254 -9.95 -15.92 9.58
C LYS A 254 -9.19 -15.12 10.63
N GLU A 255 -9.45 -13.82 10.71
CA GLU A 255 -8.69 -12.94 11.61
C GLU A 255 -9.06 -13.11 13.08
N GLN A 256 -10.25 -13.59 13.38
CA GLN A 256 -10.69 -13.82 14.76
C GLN A 256 -9.95 -14.94 15.48
N TYR A 257 -9.33 -15.85 14.74
CA TYR A 257 -8.64 -17.00 15.33
C TYR A 257 -7.19 -16.67 15.73
N TYR A 258 -6.77 -15.42 15.53
CA TYR A 258 -5.40 -15.01 15.85
C TYR A 258 -5.43 -13.91 16.92
N THR A 259 -4.73 -14.16 18.02
CA THR A 259 -4.66 -13.21 19.13
C THR A 259 -3.22 -12.86 19.45
N CYS A 260 -2.93 -11.56 19.50
CA CYS A 260 -1.66 -11.05 19.98
C CYS A 260 -1.55 -11.20 21.49
N HIS A 261 -0.33 -11.24 22.02
CA HIS A 261 -0.10 -11.50 23.44
C HIS A 261 1.05 -10.65 23.98
N VAL A 262 0.71 -9.57 24.65
CA VAL A 262 1.71 -8.69 25.24
C VAL A 262 2.05 -9.17 26.65
N TYR A 263 3.31 -9.02 27.06
CA TYR A 263 3.79 -9.40 28.40
C TYR A 263 4.78 -8.33 28.90
N HIS A 264 4.39 -7.61 29.93
CA HIS A 264 5.23 -6.53 30.44
C HIS A 264 5.15 -6.49 31.96
N GLN A 265 6.20 -6.01 32.61
CA GLN A 265 6.20 -5.98 34.07
C GLN A 265 5.12 -5.05 34.62
N GLY A 266 4.87 -3.94 33.91
CA GLY A 266 3.84 -2.97 34.28
C GLY A 266 2.40 -3.41 34.08
N LEU A 267 2.20 -4.51 33.36
CA LEU A 267 0.88 -5.14 33.28
C LEU A 267 0.74 -6.14 34.45
N PRO A 268 -0.30 -6.01 35.26
CA PRO A 268 -0.51 -6.95 36.36
C PRO A 268 -1.02 -8.28 35.85
N GLU A 269 -1.81 -8.24 34.77
CA GLU A 269 -2.30 -9.43 34.10
C GLU A 269 -1.82 -9.39 32.66
N PRO A 270 -1.39 -10.53 32.13
CA PRO A 270 -0.83 -10.56 30.79
C PRO A 270 -1.90 -10.23 29.75
N LEU A 271 -1.61 -9.30 28.85
CA LEU A 271 -2.60 -8.84 27.87
C LEU A 271 -2.77 -9.80 26.68
N THR A 272 -4.00 -9.92 26.19
CA THR A 272 -4.31 -10.66 24.96
C THR A 272 -5.25 -9.85 24.07
N LEU A 273 -4.74 -9.35 22.93
CA LEU A 273 -5.53 -8.59 21.97
C LEU A 273 -6.03 -9.40 20.76
N ARG A 274 -6.91 -8.76 20.00
CA ARG A 274 -7.34 -9.27 18.68
C ARG A 274 -8.02 -8.17 17.84
N TRP A 275 -8.07 -8.36 16.53
CA TRP A 275 -8.67 -7.40 15.62
C TRP A 275 -10.09 -6.96 16.05
N GLU A 276 -10.26 -5.65 16.25
CA GLU A 276 -11.54 -5.00 16.59
C GLU A 276 -12.05 -5.25 18.03
N ILE B 2 37.52 -5.63 12.33
CA ILE B 2 36.22 -6.38 12.41
C ILE B 2 35.02 -5.42 12.36
N GLN B 3 34.47 -5.21 11.16
CA GLN B 3 33.36 -4.27 10.89
C GLN B 3 31.94 -4.86 11.07
N LYS B 4 30.99 -4.03 11.48
CA LYS B 4 29.59 -4.46 11.63
C LYS B 4 28.64 -3.46 10.99
N THR B 5 27.48 -3.95 10.53
CA THR B 5 26.62 -3.19 9.63
C THR B 5 25.45 -2.49 10.32
N PRO B 6 25.14 -1.26 9.91
CA PRO B 6 24.06 -0.49 10.53
C PRO B 6 22.68 -1.10 10.30
N GLN B 7 21.75 -0.80 11.20
CA GLN B 7 20.42 -1.37 11.13
C GLN B 7 19.39 -0.28 11.40
N ILE B 8 18.90 0.29 10.31
CA ILE B 8 18.11 1.52 10.35
C ILE B 8 16.63 1.17 10.62
N GLN B 9 15.94 2.07 11.30
CA GLN B 9 14.52 1.91 11.60
C GLN B 9 13.85 3.28 11.75
N VAL B 10 13.08 3.67 10.75
CA VAL B 10 12.42 4.98 10.75
C VAL B 10 11.01 4.80 11.25
N TYR B 11 10.56 5.68 12.15
CA TYR B 11 9.21 5.58 12.70
C TYR B 11 8.80 6.86 13.42
N SER B 12 7.50 7.16 13.43
CA SER B 12 6.96 8.27 14.21
C SER B 12 6.96 7.96 15.72
N ARG B 13 6.91 9.02 16.53
CA ARG B 13 6.93 8.87 18.00
C ARG B 13 5.55 8.64 18.55
N HIS B 14 4.62 9.50 18.14
CA HIS B 14 3.21 9.38 18.47
C HIS B 14 2.49 8.82 17.25
N PRO B 15 1.35 8.17 17.47
CA PRO B 15 0.52 7.68 16.37
C PRO B 15 0.37 8.76 15.31
N PRO B 16 0.81 8.50 14.08
CA PRO B 16 0.88 9.52 13.03
C PRO B 16 -0.49 9.87 12.46
N GLU B 17 -1.16 10.86 13.06
CA GLU B 17 -2.44 11.34 12.54
C GLU B 17 -2.11 12.34 11.44
N ASN B 18 -2.57 12.06 10.23
CA ASN B 18 -2.18 12.85 9.07
C ASN B 18 -2.62 14.31 9.22
N GLY B 19 -1.63 15.20 9.40
CA GLY B 19 -1.86 16.63 9.49
C GLY B 19 -1.32 17.27 10.74
N LYS B 20 -1.15 16.48 11.80
CA LYS B 20 -0.76 16.97 13.12
C LYS B 20 0.75 16.86 13.33
N PRO B 21 1.37 17.88 13.90
CA PRO B 21 2.79 17.85 14.30
C PRO B 21 3.19 16.66 15.17
N ASN B 22 4.44 16.24 14.98
CA ASN B 22 4.97 15.00 15.53
C ASN B 22 6.51 15.01 15.52
N ILE B 23 7.13 13.84 15.75
CA ILE B 23 8.58 13.68 15.65
C ILE B 23 8.95 12.41 14.87
N LEU B 24 9.72 12.57 13.79
CA LEU B 24 10.27 11.43 13.07
C LEU B 24 11.54 10.95 13.75
N ASN B 25 11.74 9.64 13.76
CA ASN B 25 12.91 8.98 14.35
C ASN B 25 13.70 8.21 13.30
N CYS B 26 14.97 8.00 13.61
CA CYS B 26 15.86 7.17 12.79
C CYS B 26 16.84 6.49 13.73
N TYR B 27 16.83 5.16 13.72
CA TYR B 27 17.43 4.36 14.79
C TYR B 27 18.43 3.35 14.27
N VAL B 28 19.67 3.82 14.09
CA VAL B 28 20.74 2.99 13.53
C VAL B 28 21.47 2.22 14.64
N THR B 29 21.45 0.89 14.57
CA THR B 29 22.02 0.05 15.63
C THR B 29 22.99 -1.02 15.13
N GLN B 30 23.50 -1.81 16.07
CA GLN B 30 24.29 -3.01 15.78
C GLN B 30 25.41 -2.79 14.76
N PHE B 31 26.02 -1.60 14.80
CA PHE B 31 27.09 -1.22 13.87
C PHE B 31 28.42 -0.94 14.59
N HIS B 32 29.48 -0.78 13.79
CA HIS B 32 30.85 -0.69 14.25
C HIS B 32 31.71 -0.44 13.01
N PRO B 33 32.66 0.50 13.04
CA PRO B 33 32.94 1.39 14.17
C PRO B 33 31.96 2.59 14.29
N PRO B 34 32.12 3.41 15.34
CA PRO B 34 31.28 4.58 15.57
C PRO B 34 31.08 5.57 14.41
N HIS B 35 32.11 5.79 13.61
CA HIS B 35 32.08 6.82 12.56
C HIS B 35 30.91 6.59 11.59
N ILE B 36 29.87 7.41 11.69
CA ILE B 36 28.69 7.29 10.83
C ILE B 36 28.04 8.66 10.52
N GLU B 37 27.47 8.78 9.32
CA GLU B 37 26.67 9.96 8.95
C GLU B 37 25.20 9.55 8.95
N ILE B 38 24.35 10.42 9.51
CA ILE B 38 22.91 10.21 9.53
C ILE B 38 22.19 11.52 9.14
N GLN B 39 21.56 11.53 7.97
CA GLN B 39 20.75 12.66 7.55
C GLN B 39 19.33 12.19 7.21
N MET B 40 18.36 12.88 7.81
CA MET B 40 16.95 12.60 7.60
C MET B 40 16.51 13.46 6.41
N LEU B 41 15.54 12.95 5.65
CA LEU B 41 15.15 13.54 4.36
C LEU B 41 13.65 13.85 4.25
N LYS B 42 13.31 14.57 3.19
CA LYS B 42 11.93 14.93 2.87
C LYS B 42 11.83 15.17 1.37
N ASN B 43 11.26 14.21 0.66
CA ASN B 43 11.15 14.24 -0.81
C ASN B 43 12.52 14.22 -1.52
N GLY B 44 13.58 13.96 -0.75
CA GLY B 44 14.95 13.95 -1.26
C GLY B 44 15.89 14.99 -0.67
N LYS B 45 15.35 16.07 -0.09
CA LYS B 45 16.18 17.18 0.41
C LYS B 45 16.26 17.20 1.94
N LYS B 46 17.42 17.57 2.47
CA LYS B 46 17.75 17.38 3.89
C LYS B 46 16.99 18.28 4.87
N ILE B 47 16.98 17.86 6.13
CA ILE B 47 16.35 18.62 7.22
C ILE B 47 17.47 19.26 8.03
N PRO B 48 17.39 20.57 8.25
CA PRO B 48 18.58 21.34 8.65
C PRO B 48 18.94 21.33 10.15
N LYS B 49 18.12 20.69 10.99
CA LYS B 49 18.33 20.73 12.45
C LYS B 49 18.27 19.35 13.12
N VAL B 50 18.48 18.29 12.35
CA VAL B 50 18.40 16.92 12.87
C VAL B 50 19.24 16.77 14.13
N GLU B 51 18.58 16.57 15.28
CA GLU B 51 19.26 16.36 16.56
C GLU B 51 19.69 14.92 16.70
N MET B 52 20.94 14.68 17.10
CA MET B 52 21.47 13.32 17.17
C MET B 52 21.92 12.96 18.57
N SER B 53 21.77 11.68 18.92
CA SER B 53 22.18 11.17 20.23
C SER B 53 23.68 10.95 20.23
N ASP B 54 24.32 11.10 21.40
CA ASP B 54 25.77 10.96 21.50
C ASP B 54 26.19 9.52 21.43
N MET B 55 27.36 9.29 20.83
CA MET B 55 27.91 7.95 20.63
C MET B 55 27.93 7.11 21.91
N SER B 56 26.96 6.21 22.03
CA SER B 56 26.92 5.26 23.12
C SER B 56 26.63 3.89 22.58
N PHE B 57 26.65 2.88 23.46
CA PHE B 57 26.43 1.48 23.08
C PHE B 57 25.74 0.64 24.15
N SER B 58 25.59 -0.65 23.87
CA SER B 58 24.83 -1.59 24.70
C SER B 58 25.73 -2.57 25.43
N LYS B 59 25.14 -3.59 26.04
CA LYS B 59 25.92 -4.60 26.76
C LYS B 59 26.91 -5.36 25.86
N ASP B 60 26.43 -5.84 24.71
CA ASP B 60 27.27 -6.59 23.77
C ASP B 60 28.24 -5.70 22.94
N TRP B 61 28.30 -4.42 23.28
CA TRP B 61 29.22 -3.43 22.68
C TRP B 61 28.72 -2.81 21.39
N SER B 62 27.54 -3.19 20.92
CA SER B 62 27.06 -2.72 19.63
C SER B 62 26.57 -1.28 19.75
N PHE B 63 27.04 -0.43 18.85
CA PHE B 63 26.74 1.01 18.88
C PHE B 63 25.28 1.34 18.50
N TYR B 64 24.90 2.59 18.77
CA TYR B 64 23.52 3.03 18.89
C TYR B 64 23.51 4.50 18.51
N ILE B 65 22.66 4.93 17.58
CA ILE B 65 22.32 6.35 17.52
C ILE B 65 20.83 6.54 17.25
N LEU B 66 20.27 7.60 17.83
CA LEU B 66 18.88 7.98 17.63
C LEU B 66 18.80 9.43 17.16
N ALA B 67 18.82 9.62 15.85
CA ALA B 67 18.56 10.93 15.24
C ALA B 67 17.06 11.19 15.26
N HIS B 68 16.67 12.44 15.44
CA HIS B 68 15.26 12.81 15.44
C HIS B 68 15.04 14.21 14.87
N THR B 69 13.77 14.56 14.65
CA THR B 69 13.40 15.85 14.05
C THR B 69 11.88 16.04 14.05
N GLU B 70 11.43 17.27 14.18
CA GLU B 70 9.99 17.59 14.10
C GLU B 70 9.49 17.57 12.66
N PHE B 71 8.42 16.82 12.42
CA PHE B 71 7.81 16.76 11.11
C PHE B 71 6.30 16.71 11.20
N THR B 72 5.62 17.20 10.17
CA THR B 72 4.17 17.12 10.08
C THR B 72 3.83 16.25 8.88
N PRO B 73 3.30 15.04 9.12
CA PRO B 73 3.08 14.08 8.04
C PRO B 73 1.79 14.34 7.28
N THR B 74 1.91 14.92 6.09
CA THR B 74 0.74 15.28 5.28
C THR B 74 0.33 14.12 4.37
N GLU B 75 -0.67 14.38 3.53
CA GLU B 75 -1.17 13.43 2.52
C GLU B 75 -0.10 12.43 2.02
N THR B 76 0.99 12.93 1.44
CA THR B 76 2.03 12.07 0.85
C THR B 76 3.44 12.43 1.27
N ASP B 77 3.88 13.63 0.90
CA ASP B 77 5.28 14.07 1.07
C ASP B 77 6.12 13.08 1.88
N THR B 78 6.89 12.26 1.17
CA THR B 78 7.61 11.13 1.78
C THR B 78 8.85 11.55 2.58
N TYR B 79 9.03 10.90 3.73
CA TYR B 79 10.18 11.14 4.60
C TYR B 79 11.11 9.91 4.59
N ALA B 80 12.36 10.11 5.01
CA ALA B 80 13.37 9.04 4.91
C ALA B 80 14.62 9.24 5.79
N CYS B 81 15.53 8.28 5.74
CA CYS B 81 16.79 8.34 6.47
C CYS B 81 17.91 7.67 5.65
N ARG B 82 18.83 8.48 5.13
CA ARG B 82 20.02 7.98 4.45
C ARG B 82 21.17 7.85 5.46
N VAL B 83 22.01 6.85 5.27
CA VAL B 83 23.07 6.55 6.22
C VAL B 83 24.34 6.16 5.48
N LYS B 84 25.40 6.94 5.73
CA LYS B 84 26.73 6.68 5.17
C LYS B 84 27.55 5.91 6.19
N HIS B 85 28.25 4.88 5.73
CA HIS B 85 29.18 4.12 6.60
C HIS B 85 30.32 3.46 5.80
N ASP B 86 31.44 3.27 6.48
CA ASP B 86 32.56 2.49 5.93
C ASP B 86 32.34 0.97 6.07
N SER B 87 31.19 0.57 6.62
CA SER B 87 30.80 -0.85 6.68
C SER B 87 30.16 -1.28 5.38
N MET B 88 29.73 -0.31 4.59
CA MET B 88 29.10 -0.55 3.30
C MET B 88 29.25 0.68 2.39
N ALA B 89 29.91 0.49 1.26
CA ALA B 89 30.10 1.57 0.29
C ALA B 89 28.81 1.86 -0.51
N GLU B 90 27.70 1.27 -0.08
CA GLU B 90 26.38 1.47 -0.67
C GLU B 90 25.45 2.01 0.41
N PRO B 91 25.28 3.34 0.49
CA PRO B 91 24.42 3.95 1.51
C PRO B 91 23.02 3.32 1.55
N LYS B 92 22.66 2.71 2.68
CA LYS B 92 21.32 2.16 2.87
C LYS B 92 20.33 3.32 3.01
N THR B 93 19.15 3.14 2.44
CA THR B 93 18.12 4.20 2.42
C THR B 93 16.78 3.61 2.85
N VAL B 94 16.45 3.78 4.14
CA VAL B 94 15.15 3.37 4.66
C VAL B 94 14.19 4.53 4.55
N TYR B 95 13.04 4.27 3.93
CA TYR B 95 11.96 5.26 3.83
C TYR B 95 10.95 4.99 4.94
N TRP B 96 10.21 6.05 5.29
CA TRP B 96 9.21 5.96 6.34
C TRP B 96 7.91 5.34 5.83
N ASP B 97 7.29 4.58 6.71
CA ASP B 97 6.03 3.90 6.46
C ASP B 97 5.21 4.06 7.74
N ARG B 98 4.05 4.70 7.65
CA ARG B 98 3.24 5.02 8.84
C ARG B 98 2.65 3.78 9.52
N ASP B 99 2.55 2.69 8.78
CA ASP B 99 2.05 1.40 9.31
C ASP B 99 3.11 0.62 10.09
N MET B 100 4.38 0.97 9.88
CA MET B 100 5.49 0.27 10.52
C MET B 100 6.35 1.20 11.39
N GLY C 2 -26.93 17.78 -32.52
CA GLY C 2 -25.90 16.74 -32.21
C GLY C 2 -26.36 15.33 -32.60
N PRO C 3 -25.41 14.39 -32.70
CA PRO C 3 -25.69 13.04 -33.21
C PRO C 3 -26.08 12.04 -32.13
N HIS C 4 -27.06 11.19 -32.43
CA HIS C 4 -27.59 10.18 -31.52
C HIS C 4 -27.84 8.89 -32.28
N SER C 5 -28.43 7.91 -31.61
CA SER C 5 -28.86 6.65 -32.25
C SER C 5 -29.91 5.88 -31.45
N LEU C 6 -30.56 4.95 -32.14
CA LEU C 6 -31.47 4.00 -31.53
C LEU C 6 -30.99 2.60 -31.95
N ARG C 7 -30.70 1.75 -30.97
CA ARG C 7 -30.05 0.45 -31.21
C ARG C 7 -30.63 -0.62 -30.31
N TYR C 8 -30.95 -1.79 -30.89
CA TYR C 8 -31.46 -2.93 -30.14
C TYR C 8 -30.52 -4.10 -30.35
N PHE C 9 -30.34 -4.89 -29.30
CA PHE C 9 -29.38 -5.97 -29.31
C PHE C 9 -30.09 -7.26 -28.92
N HIS C 10 -30.14 -8.20 -29.86
CA HIS C 10 -30.78 -9.48 -29.62
C HIS C 10 -29.68 -10.49 -29.28
N THR C 11 -29.97 -11.38 -28.33
CA THR C 11 -28.99 -12.36 -27.85
C THR C 11 -29.73 -13.65 -27.58
N ALA C 12 -29.49 -14.69 -28.38
CA ALA C 12 -30.08 -16.02 -28.14
C ALA C 12 -29.01 -17.07 -27.85
N VAL C 13 -29.14 -17.84 -26.76
CA VAL C 13 -28.21 -18.92 -26.44
C VAL C 13 -28.91 -20.27 -26.32
N SER C 14 -28.42 -21.29 -27.02
CA SER C 14 -29.05 -22.60 -26.95
C SER C 14 -28.51 -23.34 -25.76
N ARG C 15 -29.38 -24.10 -25.07
CA ARG C 15 -29.02 -24.78 -23.82
C ARG C 15 -29.69 -26.17 -23.75
N PRO C 16 -29.09 -27.16 -24.43
CA PRO C 16 -29.68 -28.49 -24.53
C PRO C 16 -29.66 -29.24 -23.22
N GLY C 17 -30.69 -30.06 -23.03
CA GLY C 17 -30.94 -30.69 -21.75
C GLY C 17 -31.74 -29.78 -20.84
N LEU C 18 -31.32 -28.52 -20.76
CA LEU C 18 -31.91 -27.53 -19.85
C LEU C 18 -33.03 -26.70 -20.53
N GLY C 19 -33.73 -27.31 -21.48
CA GLY C 19 -34.89 -26.69 -22.09
C GLY C 19 -34.58 -25.79 -23.26
N LYS C 20 -35.47 -24.83 -23.52
CA LYS C 20 -35.37 -24.01 -24.74
C LYS C 20 -34.35 -22.88 -24.60
N PRO C 21 -33.81 -22.42 -25.72
CA PRO C 21 -32.89 -21.27 -25.78
C PRO C 21 -33.37 -20.02 -25.06
N ARG C 22 -32.44 -19.27 -24.47
CA ARG C 22 -32.74 -18.04 -23.77
C ARG C 22 -32.60 -16.82 -24.70
N PHE C 23 -33.69 -16.09 -24.90
CA PHE C 23 -33.69 -14.88 -25.70
C PHE C 23 -33.74 -13.64 -24.84
N ILE C 24 -33.03 -12.60 -25.27
CA ILE C 24 -32.88 -11.35 -24.52
C ILE C 24 -32.75 -10.20 -25.52
N SER C 25 -33.77 -9.37 -25.65
CA SER C 25 -33.62 -8.10 -26.38
C SER C 25 -33.41 -6.94 -25.40
N VAL C 26 -32.69 -5.94 -25.85
CA VAL C 26 -32.42 -4.78 -25.00
C VAL C 26 -32.19 -3.57 -25.88
N GLY C 27 -32.97 -2.52 -25.62
CA GLY C 27 -32.88 -1.28 -26.35
C GLY C 27 -31.87 -0.33 -25.72
N TYR C 28 -31.49 0.68 -26.47
CA TYR C 28 -30.48 1.62 -26.07
C TYR C 28 -30.70 2.92 -26.86
N VAL C 29 -31.05 4.01 -26.20
CA VAL C 29 -31.02 5.33 -26.81
C VAL C 29 -29.67 5.86 -26.44
N ASP C 30 -28.79 5.97 -27.43
CA ASP C 30 -27.40 6.37 -27.25
C ASP C 30 -26.69 5.24 -26.51
N ASP C 31 -26.10 5.54 -25.35
CA ASP C 31 -25.51 4.53 -24.47
C ASP C 31 -26.45 4.24 -23.31
N THR C 32 -27.46 5.09 -23.14
CA THR C 32 -28.52 4.85 -22.15
C THR C 32 -29.43 3.73 -22.66
N GLN C 33 -29.68 2.76 -21.78
CA GLN C 33 -30.58 1.63 -22.04
C GLN C 33 -31.99 2.00 -21.61
N PHE C 34 -32.97 1.74 -22.46
CA PHE C 34 -34.32 2.17 -22.16
C PHE C 34 -35.36 1.05 -22.05
N VAL C 35 -35.10 -0.12 -22.65
CA VAL C 35 -36.06 -1.23 -22.62
C VAL C 35 -35.41 -2.59 -22.54
N ARG C 36 -36.24 -3.63 -22.48
CA ARG C 36 -35.76 -5.00 -22.35
C ARG C 36 -36.83 -6.06 -22.61
N PHE C 37 -36.37 -7.24 -23.00
CA PHE C 37 -37.19 -8.46 -23.02
C PHE C 37 -36.31 -9.65 -22.70
N ASP C 38 -36.68 -10.44 -21.70
CA ASP C 38 -35.90 -11.62 -21.34
C ASP C 38 -36.77 -12.84 -21.03
N SER C 39 -36.84 -13.74 -22.00
CA SER C 39 -37.54 -15.02 -21.91
C SER C 39 -37.28 -15.86 -20.68
N ASP C 40 -36.27 -15.52 -19.88
CA ASP C 40 -35.98 -16.18 -18.58
C ASP C 40 -36.95 -15.70 -17.51
N ALA C 41 -38.24 -15.85 -17.76
CA ALA C 41 -39.24 -15.15 -16.97
C ALA C 41 -40.57 -15.89 -16.80
N GLU C 42 -41.35 -15.38 -15.85
CA GLU C 42 -42.61 -15.96 -15.38
C GLU C 42 -43.61 -16.03 -16.56
N ASN C 43 -44.07 -14.87 -16.99
CA ASN C 43 -44.68 -14.65 -18.29
C ASN C 43 -43.95 -13.43 -18.82
N PRO C 44 -42.90 -13.62 -19.63
CA PRO C 44 -42.05 -12.49 -20.03
C PRO C 44 -42.83 -11.40 -20.74
N ARG C 45 -42.36 -10.17 -20.63
CA ARG C 45 -42.88 -9.07 -21.42
C ARG C 45 -41.89 -7.90 -21.46
N TYR C 46 -42.13 -7.01 -22.42
CA TYR C 46 -41.34 -5.80 -22.60
C TYR C 46 -41.51 -4.89 -21.40
N GLU C 47 -40.40 -4.51 -20.78
CA GLU C 47 -40.45 -3.60 -19.66
C GLU C 47 -39.58 -2.39 -19.94
N PRO C 48 -39.83 -1.27 -19.26
CA PRO C 48 -38.95 -0.11 -19.35
C PRO C 48 -37.67 -0.39 -18.57
N ARG C 49 -36.65 0.42 -18.77
CA ARG C 49 -35.47 0.38 -17.90
C ARG C 49 -35.07 1.79 -17.46
N VAL C 50 -36.01 2.71 -17.58
CA VAL C 50 -35.84 4.09 -17.15
C VAL C 50 -37.18 4.68 -16.75
N ARG C 51 -37.17 5.57 -15.76
CA ARG C 51 -38.39 6.24 -15.34
C ARG C 51 -39.07 6.99 -16.48
N TRP C 52 -38.31 7.41 -17.50
CA TRP C 52 -38.94 8.15 -18.60
C TRP C 52 -39.76 7.27 -19.55
N MET C 53 -39.42 5.99 -19.69
CA MET C 53 -40.24 5.08 -20.52
C MET C 53 -41.59 4.70 -19.91
N GLU C 54 -41.77 4.92 -18.61
CA GLU C 54 -43.04 4.66 -17.93
C GLU C 54 -44.22 5.54 -18.40
N GLN C 55 -43.92 6.62 -19.11
CA GLN C 55 -44.95 7.56 -19.55
C GLN C 55 -45.61 7.20 -20.88
N VAL C 56 -45.01 6.28 -21.65
CA VAL C 56 -45.58 5.90 -22.96
C VAL C 56 -46.90 5.11 -22.84
N GLU C 57 -47.73 5.23 -23.88
CA GLU C 57 -49.02 4.54 -23.99
C GLU C 57 -48.92 3.04 -23.71
N PRO C 58 -49.88 2.48 -22.98
CA PRO C 58 -49.83 1.05 -22.63
C PRO C 58 -49.87 0.14 -23.85
N GLU C 59 -50.47 0.58 -24.94
CA GLU C 59 -50.48 -0.20 -26.17
C GLU C 59 -49.04 -0.52 -26.63
N TYR C 60 -48.12 0.41 -26.38
CA TYR C 60 -46.69 0.24 -26.66
C TYR C 60 -46.07 -1.10 -26.21
N TRP C 61 -46.44 -1.54 -25.01
CA TRP C 61 -45.79 -2.70 -24.42
C TRP C 61 -46.35 -3.98 -25.01
N GLU C 62 -47.67 -4.06 -25.07
CA GLU C 62 -48.33 -5.19 -25.70
C GLU C 62 -47.75 -5.44 -27.09
N ARG C 63 -47.51 -4.37 -27.86
CA ARG C 63 -46.93 -4.51 -29.20
C ARG C 63 -45.54 -5.13 -29.12
N ASN C 64 -44.64 -4.52 -28.36
CA ASN C 64 -43.25 -4.99 -28.35
C ASN C 64 -43.08 -6.33 -27.63
N THR C 65 -44.10 -6.73 -26.87
CA THR C 65 -44.08 -8.00 -26.17
C THR C 65 -44.36 -9.13 -27.16
N GLN C 66 -45.39 -8.95 -27.96
CA GLN C 66 -45.75 -9.93 -28.98
C GLN C 66 -44.72 -9.91 -30.10
N ILE C 67 -44.22 -8.74 -30.46
CA ILE C 67 -43.18 -8.65 -31.49
C ILE C 67 -41.90 -9.39 -31.07
N ALA C 68 -41.49 -9.24 -29.81
CA ALA C 68 -40.24 -9.88 -29.32
C ALA C 68 -40.40 -11.38 -29.13
N LYS C 69 -41.56 -11.79 -28.62
CA LYS C 69 -41.97 -13.20 -28.61
C LYS C 69 -41.85 -13.84 -29.99
N GLY C 70 -42.21 -13.07 -31.01
CA GLY C 70 -42.03 -13.46 -32.39
C GLY C 70 -40.57 -13.69 -32.68
N ASN C 71 -39.77 -12.63 -32.58
CA ASN C 71 -38.33 -12.71 -32.83
C ASN C 71 -37.61 -13.80 -32.00
N GLU C 72 -38.06 -14.01 -30.76
CA GLU C 72 -37.49 -15.03 -29.88
C GLU C 72 -37.70 -16.37 -30.55
N GLN C 73 -38.93 -16.60 -31.02
CA GLN C 73 -39.29 -17.83 -31.70
C GLN C 73 -38.53 -17.96 -33.01
N ILE C 74 -38.29 -16.83 -33.65
CA ILE C 74 -37.58 -16.80 -34.90
C ILE C 74 -36.09 -17.09 -34.68
N PHE C 75 -35.55 -16.74 -33.52
CA PHE C 75 -34.13 -16.98 -33.23
C PHE C 75 -33.85 -18.42 -32.80
N ARG C 76 -34.89 -19.15 -32.42
CA ARG C 76 -34.76 -20.57 -32.18
C ARG C 76 -34.54 -21.25 -33.53
N VAL C 77 -35.13 -20.68 -34.58
CA VAL C 77 -35.03 -21.20 -35.94
C VAL C 77 -33.65 -20.93 -36.55
N ASN C 78 -33.13 -19.73 -36.31
CA ASN C 78 -31.80 -19.36 -36.80
C ASN C 78 -30.74 -20.22 -36.13
N LEU C 79 -30.98 -20.63 -34.89
CA LEU C 79 -30.05 -21.48 -34.16
C LEU C 79 -29.98 -22.91 -34.71
N ARG C 80 -31.14 -23.52 -34.96
CA ARG C 80 -31.20 -24.91 -35.43
C ARG C 80 -30.81 -24.98 -36.91
N THR C 81 -31.01 -23.88 -37.61
CA THR C 81 -30.56 -23.79 -38.98
C THR C 81 -29.05 -23.67 -39.03
N ALA C 82 -28.48 -22.90 -38.09
CA ALA C 82 -27.05 -22.70 -38.03
C ALA C 82 -26.38 -24.02 -37.71
N LEU C 83 -27.09 -24.89 -36.98
CA LEU C 83 -26.59 -26.23 -36.70
C LEU C 83 -26.44 -27.01 -38.00
N ARG C 84 -27.47 -26.99 -38.84
CA ARG C 84 -27.45 -27.69 -40.13
C ARG C 84 -26.34 -27.19 -41.05
N TYR C 85 -26.12 -25.87 -41.05
CA TYR C 85 -25.15 -25.23 -41.94
C TYR C 85 -23.72 -25.57 -41.55
N TYR C 86 -23.32 -25.20 -40.33
CA TYR C 86 -21.98 -25.48 -39.84
C TYR C 86 -21.84 -26.94 -39.48
N ASN C 87 -22.83 -27.75 -39.85
CA ASN C 87 -22.80 -29.21 -39.73
C ASN C 87 -22.48 -29.66 -38.30
N GLN C 88 -22.91 -28.84 -37.35
CA GLN C 88 -22.65 -29.07 -35.93
C GLN C 88 -23.64 -30.10 -35.39
N SER C 89 -24.04 -29.94 -34.14
CA SER C 89 -24.95 -30.88 -33.50
C SER C 89 -25.50 -30.31 -32.22
N ALA C 90 -26.72 -30.73 -31.88
CA ALA C 90 -27.35 -30.35 -30.59
C ALA C 90 -26.58 -30.99 -29.43
N GLY C 91 -26.98 -30.64 -28.22
CA GLY C 91 -26.21 -30.96 -27.03
C GLY C 91 -25.41 -29.74 -26.63
N GLY C 92 -24.66 -29.18 -27.60
CA GLY C 92 -23.79 -28.04 -27.36
C GLY C 92 -24.52 -26.73 -27.19
N SER C 93 -23.79 -25.70 -26.74
CA SER C 93 -24.33 -24.35 -26.63
C SER C 93 -23.73 -23.47 -27.71
N HIS C 94 -24.60 -22.93 -28.54
CA HIS C 94 -24.23 -21.90 -29.51
C HIS C 94 -25.09 -20.68 -29.27
N THR C 95 -24.56 -19.49 -29.55
CA THR C 95 -25.31 -18.27 -29.32
C THR C 95 -25.38 -17.42 -30.57
N PHE C 96 -26.46 -16.66 -30.69
CA PHE C 96 -26.64 -15.70 -31.79
C PHE C 96 -26.72 -14.32 -31.17
N GLN C 97 -26.07 -13.36 -31.82
CA GLN C 97 -26.13 -11.95 -31.46
C GLN C 97 -26.69 -11.22 -32.68
N ARG C 98 -27.30 -10.05 -32.52
CA ARG C 98 -27.79 -9.32 -33.67
C ARG C 98 -28.06 -7.86 -33.31
N MET C 99 -27.22 -6.96 -33.80
CA MET C 99 -27.39 -5.53 -33.57
C MET C 99 -28.02 -4.88 -34.81
N TYR C 100 -29.19 -4.27 -34.63
CA TYR C 100 -29.83 -3.47 -35.69
C TYR C 100 -30.31 -2.14 -35.12
N GLY C 101 -30.40 -1.13 -35.97
CA GLY C 101 -30.76 0.20 -35.50
C GLY C 101 -30.25 1.36 -36.32
N CYS C 102 -30.84 2.52 -36.07
CA CYS C 102 -30.58 3.72 -36.84
C CYS C 102 -29.47 4.52 -36.21
N GLU C 103 -28.86 5.37 -37.03
CA GLU C 103 -27.84 6.32 -36.60
C GLU C 103 -28.14 7.65 -37.29
N VAL C 104 -28.26 8.69 -36.49
CA VAL C 104 -28.57 10.03 -36.97
C VAL C 104 -27.42 10.97 -36.61
N GLY C 105 -27.31 12.07 -37.37
CA GLY C 105 -26.21 13.02 -37.24
C GLY C 105 -26.67 14.35 -36.68
N SER C 106 -26.34 15.45 -37.37
CA SER C 106 -26.76 16.77 -36.96
C SER C 106 -28.07 17.17 -37.68
N ASP C 107 -28.89 16.17 -38.00
CA ASP C 107 -30.22 16.38 -38.58
C ASP C 107 -31.09 15.11 -38.46
N TRP C 108 -32.41 15.28 -38.63
CA TRP C 108 -33.35 14.15 -38.56
C TRP C 108 -33.44 13.46 -39.92
N ARG C 109 -32.42 12.66 -40.21
CA ARG C 109 -32.30 11.95 -41.48
C ARG C 109 -31.22 10.89 -41.30
N LEU C 110 -31.56 9.64 -41.58
CA LEU C 110 -30.67 8.52 -41.35
C LEU C 110 -29.27 8.71 -41.97
N LEU C 111 -28.25 8.57 -41.12
CA LEU C 111 -26.84 8.69 -41.51
C LEU C 111 -26.31 7.33 -41.95
N ARG C 112 -26.43 6.34 -41.05
CA ARG C 112 -26.18 4.93 -41.38
C ARG C 112 -27.20 4.04 -40.66
N GLY C 113 -27.64 2.97 -41.32
CA GLY C 113 -28.54 2.00 -40.72
C GLY C 113 -27.79 0.70 -40.48
N TYR C 114 -28.32 -0.16 -39.60
CA TYR C 114 -27.63 -1.40 -39.23
C TYR C 114 -28.57 -2.61 -39.14
N GLU C 115 -27.98 -3.78 -39.34
CA GLU C 115 -28.68 -5.06 -39.29
C GLU C 115 -27.62 -6.11 -39.56
N GLN C 116 -27.10 -6.72 -38.49
CA GLN C 116 -25.91 -7.56 -38.58
C GLN C 116 -26.01 -8.71 -37.58
N TYR C 117 -25.53 -9.91 -37.94
CA TYR C 117 -25.61 -11.08 -37.05
C TYR C 117 -24.23 -11.68 -36.75
N ALA C 118 -24.04 -12.13 -35.51
CA ALA C 118 -22.84 -12.87 -35.11
C ALA C 118 -23.18 -14.25 -34.63
N TYR C 119 -22.37 -15.24 -35.02
CA TYR C 119 -22.56 -16.61 -34.57
C TYR C 119 -21.32 -17.21 -33.91
N ASP C 120 -21.40 -17.42 -32.60
CA ASP C 120 -20.29 -17.99 -31.81
C ASP C 120 -19.07 -17.07 -31.76
N GLY C 121 -19.32 -15.78 -31.56
CA GLY C 121 -18.26 -14.82 -31.44
C GLY C 121 -17.61 -14.41 -32.75
N CYS C 122 -18.34 -14.56 -33.84
CA CYS C 122 -17.81 -14.23 -35.15
C CYS C 122 -18.89 -13.70 -36.05
N ASP C 123 -18.55 -12.70 -36.84
CA ASP C 123 -19.52 -12.14 -37.77
C ASP C 123 -20.11 -13.24 -38.64
N TYR C 124 -21.35 -13.04 -39.05
CA TYR C 124 -22.04 -13.99 -39.90
C TYR C 124 -22.49 -13.26 -41.17
N ILE C 125 -23.53 -12.43 -41.04
CA ILE C 125 -24.03 -11.61 -42.13
C ILE C 125 -24.13 -10.14 -41.72
N ALA C 126 -24.18 -9.25 -42.72
CA ALA C 126 -24.23 -7.81 -42.46
C ALA C 126 -24.84 -7.03 -43.62
N LEU C 127 -25.98 -6.42 -43.35
CA LEU C 127 -26.55 -5.43 -44.26
C LEU C 127 -25.54 -4.29 -44.38
N ASN C 128 -25.11 -4.03 -45.62
CA ASN C 128 -24.17 -2.96 -45.93
C ASN C 128 -24.83 -1.60 -45.80
N GLU C 129 -24.02 -0.54 -45.89
CA GLU C 129 -24.50 0.80 -45.54
C GLU C 129 -25.53 1.39 -46.53
N ASP C 130 -25.63 0.82 -47.74
CA ASP C 130 -26.66 1.21 -48.72
C ASP C 130 -28.03 0.61 -48.43
N LEU C 131 -28.04 -0.38 -47.53
CA LEU C 131 -29.25 -0.98 -46.99
C LEU C 131 -30.03 -1.85 -47.99
N LYS C 132 -29.34 -2.33 -49.03
CA LYS C 132 -29.93 -3.31 -49.95
C LYS C 132 -28.94 -4.37 -50.47
N THR C 133 -27.73 -4.41 -49.90
CA THR C 133 -26.71 -5.41 -50.26
C THR C 133 -26.31 -6.15 -48.99
N TRP C 134 -25.57 -7.26 -49.12
CA TRP C 134 -25.15 -8.06 -47.95
C TRP C 134 -23.64 -8.37 -47.94
N THR C 135 -23.13 -8.75 -46.77
CA THR C 135 -21.75 -9.21 -46.63
C THR C 135 -21.75 -10.43 -45.72
N ALA C 136 -21.19 -11.53 -46.23
CA ALA C 136 -21.10 -12.79 -45.51
C ALA C 136 -19.64 -13.07 -45.15
N ALA C 137 -19.41 -13.59 -43.94
CA ALA C 137 -18.05 -13.77 -43.44
C ALA C 137 -17.40 -15.06 -43.95
N ASP C 138 -18.18 -16.14 -44.00
CA ASP C 138 -17.70 -17.40 -44.57
C ASP C 138 -18.69 -17.98 -45.60
N MET C 139 -18.61 -19.27 -45.88
CA MET C 139 -19.44 -19.91 -46.89
C MET C 139 -20.83 -20.33 -46.37
N ALA C 140 -20.96 -20.57 -45.07
CA ALA C 140 -22.25 -20.87 -44.46
C ALA C 140 -23.19 -19.68 -44.56
N ALA C 141 -22.64 -18.51 -44.30
CA ALA C 141 -23.36 -17.25 -44.37
C ALA C 141 -23.62 -16.87 -45.81
N LEU C 142 -22.80 -17.40 -46.70
CA LEU C 142 -23.03 -17.20 -48.13
C LEU C 142 -24.39 -17.77 -48.55
N ILE C 143 -24.79 -18.88 -47.96
CA ILE C 143 -26.07 -19.50 -48.28
C ILE C 143 -27.25 -18.60 -47.80
N THR C 144 -27.02 -17.84 -46.73
CA THR C 144 -28.02 -16.89 -46.26
C THR C 144 -28.07 -15.64 -47.14
N LYS C 145 -26.93 -15.00 -47.34
CA LYS C 145 -26.82 -13.90 -48.29
C LYS C 145 -27.69 -14.16 -49.54
N HIS C 146 -27.58 -15.35 -50.13
CA HIS C 146 -28.30 -15.66 -51.37
C HIS C 146 -29.82 -15.70 -51.16
N LYS C 147 -30.27 -16.42 -50.15
CA LYS C 147 -31.69 -16.49 -49.80
C LYS C 147 -32.25 -15.08 -49.66
N TRP C 148 -31.51 -14.21 -48.99
CA TRP C 148 -31.95 -12.83 -48.76
C TRP C 148 -31.86 -11.96 -50.03
N GLU C 149 -30.95 -12.29 -50.95
CA GLU C 149 -30.71 -11.51 -52.17
C GLU C 149 -31.81 -11.72 -53.21
N GLN C 150 -32.13 -12.98 -53.44
CA GLN C 150 -33.13 -13.40 -54.40
C GLN C 150 -34.54 -13.01 -53.94
N ALA C 151 -34.75 -13.09 -52.63
CA ALA C 151 -36.01 -12.70 -52.02
C ALA C 151 -36.22 -11.21 -52.04
N GLY C 152 -35.16 -10.46 -51.79
CA GLY C 152 -35.24 -9.02 -51.60
C GLY C 152 -35.58 -8.67 -50.16
N ASP C 153 -35.05 -9.42 -49.20
CA ASP C 153 -35.45 -9.28 -47.79
C ASP C 153 -34.93 -8.02 -47.10
N ALA C 154 -33.96 -7.36 -47.71
CA ALA C 154 -33.45 -6.10 -47.17
C ALA C 154 -34.45 -4.97 -47.37
N GLU C 155 -35.48 -5.17 -48.20
CA GLU C 155 -36.53 -4.16 -48.40
C GLU C 155 -37.27 -3.86 -47.12
N ARG C 156 -37.38 -4.85 -46.24
CA ARG C 156 -38.07 -4.68 -44.95
C ARG C 156 -37.23 -3.88 -43.96
N ASP C 157 -35.95 -4.23 -43.88
CA ASP C 157 -35.02 -3.54 -42.99
C ASP C 157 -34.82 -2.10 -43.45
N ARG C 158 -34.65 -1.92 -44.75
CA ARG C 158 -34.43 -0.60 -45.32
C ARG C 158 -35.59 0.27 -44.96
N ALA C 159 -36.79 -0.28 -45.06
CA ALA C 159 -38.02 0.47 -44.82
C ALA C 159 -38.15 0.90 -43.35
N TYR C 160 -37.78 0.00 -42.44
CA TYR C 160 -37.83 0.27 -41.01
C TYR C 160 -36.76 1.27 -40.60
N LEU C 161 -35.53 1.05 -41.07
CA LEU C 161 -34.38 1.83 -40.66
C LEU C 161 -34.44 3.25 -41.21
N GLU C 162 -34.73 3.38 -42.49
CA GLU C 162 -34.88 4.69 -43.12
C GLU C 162 -36.08 5.44 -42.53
N GLY C 163 -37.12 4.68 -42.20
CA GLY C 163 -38.37 5.22 -41.71
C GLY C 163 -38.50 4.94 -40.23
N THR C 164 -39.61 4.29 -39.84
CA THR C 164 -40.00 4.09 -38.42
C THR C 164 -38.92 4.29 -37.36
N CYS C 165 -37.72 3.76 -37.62
CA CYS C 165 -36.58 3.85 -36.70
C CYS C 165 -36.19 5.27 -36.28
N VAL C 166 -36.06 6.16 -37.27
CA VAL C 166 -35.68 7.56 -37.04
C VAL C 166 -36.80 8.32 -36.36
N GLU C 167 -38.04 8.01 -36.73
CA GLU C 167 -39.21 8.62 -36.10
C GLU C 167 -39.21 8.36 -34.58
N TRP C 168 -38.78 7.17 -34.19
CA TRP C 168 -38.89 6.73 -32.82
C TRP C 168 -37.73 7.21 -31.97
N LEU C 169 -36.58 7.46 -32.60
CA LEU C 169 -35.41 8.00 -31.92
C LEU C 169 -35.66 9.45 -31.53
N ARG C 170 -36.28 10.18 -32.46
CA ARG C 170 -36.79 11.52 -32.25
C ARG C 170 -37.84 11.52 -31.15
N ARG C 171 -38.60 10.43 -31.06
CA ARG C 171 -39.62 10.30 -30.02
C ARG C 171 -38.97 10.13 -28.66
N TYR C 172 -37.98 9.25 -28.59
CA TYR C 172 -37.35 8.86 -27.33
C TYR C 172 -36.40 9.93 -26.79
N LEU C 173 -35.77 10.69 -27.67
CA LEU C 173 -34.88 11.78 -27.25
C LEU C 173 -35.70 12.95 -26.72
N GLN C 174 -36.96 13.03 -27.11
CA GLN C 174 -37.89 13.99 -26.52
C GLN C 174 -38.33 13.51 -25.14
N LEU C 175 -39.02 12.38 -25.09
CA LEU C 175 -39.49 11.79 -23.84
C LEU C 175 -38.45 11.86 -22.71
N GLY C 176 -37.21 11.48 -23.05
CA GLY C 176 -36.10 11.41 -22.11
C GLY C 176 -35.05 12.46 -22.41
N ASN C 177 -35.49 13.72 -22.36
CA ASN C 177 -34.63 14.87 -22.63
C ASN C 177 -34.00 15.46 -21.37
N ALA C 178 -34.51 15.03 -20.22
CA ALA C 178 -34.19 15.69 -18.95
C ALA C 178 -33.08 14.98 -18.20
N THR C 179 -32.75 13.75 -18.62
CA THR C 179 -31.78 12.93 -17.87
C THR C 179 -30.73 12.29 -18.77
N LEU C 180 -31.14 11.87 -19.97
CA LEU C 180 -30.23 11.43 -21.03
C LEU C 180 -28.97 12.31 -21.02
N PRO C 181 -27.82 11.74 -20.64
CA PRO C 181 -26.56 12.49 -20.55
C PRO C 181 -26.21 13.29 -21.80
N ARG C 182 -26.03 14.58 -21.60
CA ARG C 182 -25.60 15.47 -22.67
C ARG C 182 -24.09 15.47 -22.62
N THR C 183 -23.44 15.89 -23.70
CA THR C 183 -21.97 15.97 -23.75
C THR C 183 -21.41 16.72 -22.51
N ASP C 184 -20.47 16.11 -21.80
CA ASP C 184 -20.03 16.60 -20.51
C ASP C 184 -18.52 16.50 -20.34
N SER C 185 -17.91 17.55 -19.81
CA SER C 185 -16.45 17.70 -19.81
C SER C 185 -15.78 16.94 -18.65
N PRO C 186 -14.63 16.30 -18.91
CA PRO C 186 -13.99 15.46 -17.91
C PRO C 186 -13.31 16.27 -16.80
N LYS C 187 -13.42 15.79 -15.56
CA LYS C 187 -12.80 16.43 -14.41
C LYS C 187 -11.53 15.67 -14.09
N ALA C 188 -10.39 16.37 -14.09
CA ALA C 188 -9.08 15.72 -14.08
C ALA C 188 -8.18 16.10 -12.92
N HIS C 189 -7.54 15.11 -12.32
CA HIS C 189 -6.53 15.31 -11.27
C HIS C 189 -5.46 14.23 -11.30
N VAL C 190 -4.35 14.48 -10.60
CA VAL C 190 -3.20 13.58 -10.56
C VAL C 190 -2.84 13.17 -9.13
N THR C 191 -3.21 11.95 -8.73
CA THR C 191 -2.73 11.37 -7.46
C THR C 191 -1.31 10.83 -7.61
N ARG C 192 -0.63 10.65 -6.47
CA ARG C 192 0.64 9.95 -6.45
C ARG C 192 0.67 8.91 -5.33
N HIS C 193 1.33 7.78 -5.59
CA HIS C 193 1.25 6.59 -4.76
C HIS C 193 2.63 6.00 -4.57
N SER C 194 3.15 6.08 -3.34
CA SER C 194 4.53 5.72 -3.02
C SER C 194 4.85 4.23 -3.24
N ARG C 195 5.19 3.90 -4.49
CA ARG C 195 5.41 2.53 -4.97
C ARG C 195 6.75 1.97 -4.47
N PRO C 196 6.76 0.70 -4.04
CA PRO C 196 7.98 0.08 -3.48
C PRO C 196 9.27 0.33 -4.29
N GLU C 197 10.33 0.77 -3.59
CA GLU C 197 11.67 0.97 -4.15
C GLU C 197 11.85 2.33 -4.83
N ASP C 198 12.13 3.36 -4.04
CA ASP C 198 12.70 4.65 -4.50
C ASP C 198 12.05 5.32 -5.74
N LYS C 199 10.77 5.04 -5.99
CA LYS C 199 10.05 5.69 -7.09
C LYS C 199 8.55 5.74 -6.85
N VAL C 200 7.97 6.93 -7.00
CA VAL C 200 6.54 7.15 -6.80
C VAL C 200 5.73 6.89 -8.07
N THR C 201 4.49 6.41 -7.90
CA THR C 201 3.58 6.13 -9.02
C THR C 201 2.64 7.30 -9.22
N LEU C 202 2.89 8.11 -10.24
CA LEU C 202 1.95 9.17 -10.61
C LEU C 202 0.82 8.59 -11.45
N ARG C 203 -0.40 8.62 -10.90
CA ARG C 203 -1.61 8.20 -11.62
C ARG C 203 -2.43 9.41 -12.00
N CYS C 204 -3.02 9.36 -13.19
CA CYS C 204 -3.74 10.50 -13.76
C CYS C 204 -5.20 10.15 -14.07
N TRP C 205 -6.12 10.97 -13.58
CA TRP C 205 -7.54 10.65 -13.58
C TRP C 205 -8.40 11.56 -14.46
N ALA C 206 -9.59 11.06 -14.78
CA ALA C 206 -10.56 11.78 -15.60
C ALA C 206 -11.93 11.23 -15.24
N LEU C 207 -12.83 12.09 -14.77
CA LEU C 207 -14.05 11.61 -14.17
C LEU C 207 -15.27 12.48 -14.48
N GLY C 208 -16.36 11.83 -14.86
CA GLY C 208 -17.62 12.50 -15.04
C GLY C 208 -17.72 13.11 -16.40
N PHE C 209 -17.50 12.30 -17.44
CA PHE C 209 -17.57 12.77 -18.82
C PHE C 209 -18.52 11.93 -19.66
N TYR C 210 -18.73 12.37 -20.89
CA TYR C 210 -19.63 11.72 -21.83
C TYR C 210 -19.45 12.47 -23.17
N PRO C 211 -19.36 11.78 -24.30
CA PRO C 211 -19.29 10.31 -24.39
C PRO C 211 -17.96 9.70 -23.95
N ALA C 212 -17.96 8.38 -23.88
CA ALA C 212 -16.81 7.60 -23.39
C ALA C 212 -15.51 7.79 -24.16
N ASP C 213 -15.56 8.39 -25.36
CA ASP C 213 -14.38 8.56 -26.22
C ASP C 213 -13.43 9.63 -25.68
N ILE C 214 -12.36 9.18 -25.03
CA ILE C 214 -11.37 10.07 -24.41
C ILE C 214 -9.96 9.60 -24.75
N THR C 215 -8.99 10.49 -24.65
CA THR C 215 -7.57 10.15 -24.74
C THR C 215 -6.82 10.65 -23.51
N LEU C 216 -6.22 9.74 -22.74
CA LEU C 216 -5.28 10.08 -21.65
C LEU C 216 -3.88 9.68 -22.06
N THR C 217 -2.93 10.59 -21.99
CA THR C 217 -1.54 10.24 -22.27
C THR C 217 -0.59 10.92 -21.29
N TRP C 218 0.54 10.27 -21.04
CA TRP C 218 1.58 10.86 -20.22
C TRP C 218 2.74 11.24 -21.12
N GLN C 219 3.34 12.38 -20.82
CA GLN C 219 4.51 12.84 -21.53
C GLN C 219 5.60 13.17 -20.51
N LEU C 220 6.86 12.93 -20.92
CA LEU C 220 8.02 13.32 -20.13
C LEU C 220 8.71 14.43 -20.86
N ASN C 221 8.78 15.60 -20.23
CA ASN C 221 9.51 16.75 -20.75
C ASN C 221 8.95 17.16 -22.11
N GLY C 222 7.62 17.19 -22.18
CA GLY C 222 6.89 17.63 -23.36
C GLY C 222 6.64 16.61 -24.46
N GLU C 223 7.45 15.56 -24.53
CA GLU C 223 7.38 14.63 -25.66
C GLU C 223 6.94 13.22 -25.24
N GLU C 224 6.67 12.38 -26.24
CA GLU C 224 6.12 11.04 -26.04
C GLU C 224 6.84 10.26 -24.94
N LEU C 225 6.10 9.38 -24.26
CA LEU C 225 6.68 8.56 -23.20
C LEU C 225 7.33 7.29 -23.78
N THR C 226 8.40 6.86 -23.13
CA THR C 226 9.17 5.71 -23.57
C THR C 226 9.66 4.90 -22.37
N GLN C 227 8.85 4.93 -21.30
CA GLN C 227 8.90 3.98 -20.22
C GLN C 227 7.65 3.13 -20.49
N ASP C 228 6.80 2.90 -19.48
CA ASP C 228 5.50 2.26 -19.69
C ASP C 228 4.40 2.92 -18.85
N MET C 229 3.15 2.61 -19.18
CA MET C 229 2.03 3.11 -18.39
C MET C 229 0.81 2.20 -18.40
N GLU C 230 0.21 2.02 -17.22
CA GLU C 230 -1.02 1.25 -17.05
C GLU C 230 -2.19 2.06 -17.63
N LEU C 231 -3.07 1.42 -18.39
CA LEU C 231 -4.19 2.12 -19.04
C LEU C 231 -5.46 1.29 -19.06
N VAL C 232 -6.33 1.48 -18.05
CA VAL C 232 -7.58 0.71 -17.95
C VAL C 232 -8.67 1.28 -18.85
N GLU C 233 -9.46 0.40 -19.47
CA GLU C 233 -10.43 0.85 -20.47
C GLU C 233 -11.48 1.76 -19.83
N THR C 234 -12.00 2.69 -20.62
CA THR C 234 -13.03 3.62 -20.17
C THR C 234 -14.14 2.79 -19.58
N ARG C 235 -14.67 3.23 -18.45
CA ARG C 235 -15.62 2.39 -17.73
C ARG C 235 -16.80 3.19 -17.25
N PRO C 236 -17.98 2.55 -17.22
CA PRO C 236 -19.20 3.23 -16.78
C PRO C 236 -19.21 3.49 -15.27
N ALA C 237 -19.40 4.75 -14.89
CA ALA C 237 -19.64 5.09 -13.49
C ALA C 237 -20.97 4.49 -13.03
N GLY C 238 -21.97 4.61 -13.90
CA GLY C 238 -23.28 4.08 -13.63
C GLY C 238 -24.31 5.18 -13.70
N ASP C 239 -23.91 6.38 -13.30
CA ASP C 239 -24.83 7.52 -13.37
C ASP C 239 -25.00 8.11 -14.79
N GLY C 240 -24.34 7.51 -15.80
CA GLY C 240 -24.42 7.99 -17.17
C GLY C 240 -23.12 8.49 -17.77
N THR C 241 -22.13 8.73 -16.92
CA THR C 241 -20.82 9.23 -17.32
C THR C 241 -19.76 8.14 -17.16
N PHE C 242 -18.51 8.46 -17.45
CA PHE C 242 -17.44 7.46 -17.52
C PHE C 242 -16.15 7.85 -16.76
N GLN C 243 -15.26 6.87 -16.66
CA GLN C 243 -14.03 6.99 -15.89
C GLN C 243 -12.86 6.27 -16.58
N LYS C 244 -11.74 6.97 -16.71
CA LYS C 244 -10.49 6.37 -17.14
C LYS C 244 -9.32 6.92 -16.35
N TRP C 245 -8.34 6.07 -16.06
CA TRP C 245 -7.07 6.56 -15.55
C TRP C 245 -5.87 6.03 -16.32
N ALA C 246 -4.79 6.80 -16.26
CA ALA C 246 -3.53 6.44 -16.88
C ALA C 246 -2.44 6.73 -15.85
N SER C 247 -1.48 5.80 -15.74
CA SER C 247 -0.46 5.88 -14.71
C SER C 247 0.92 5.54 -15.24
N VAL C 248 1.85 6.46 -15.04
CA VAL C 248 3.27 6.23 -15.30
C VAL C 248 4.05 6.22 -13.98
N VAL C 249 5.14 5.47 -13.93
CA VAL C 249 5.98 5.33 -12.73
C VAL C 249 7.29 6.11 -12.88
N VAL C 250 7.54 7.04 -11.99
CA VAL C 250 8.67 7.94 -12.10
C VAL C 250 9.53 7.92 -10.82
N PRO C 251 10.79 8.34 -10.94
CA PRO C 251 11.67 8.42 -9.76
C PRO C 251 11.29 9.55 -8.82
N LEU C 252 11.59 9.39 -7.52
CA LEU C 252 11.27 10.40 -6.51
C LEU C 252 12.00 11.72 -6.79
N GLY C 253 11.29 12.83 -6.62
CA GLY C 253 11.82 14.15 -6.93
C GLY C 253 11.60 14.63 -8.36
N LYS C 254 11.52 13.70 -9.32
CA LYS C 254 11.45 14.06 -10.73
C LYS C 254 10.01 14.08 -11.25
N GLU C 255 9.05 14.33 -10.36
CA GLU C 255 7.64 14.28 -10.72
C GLU C 255 7.18 15.50 -11.54
N GLN C 256 7.88 16.61 -11.43
CA GLN C 256 7.53 17.82 -12.18
C GLN C 256 7.76 17.76 -13.69
N TYR C 257 8.58 16.80 -14.12
CA TYR C 257 8.90 16.64 -15.54
C TYR C 257 7.90 15.77 -16.28
N TYR C 258 6.87 15.30 -15.60
CA TYR C 258 5.87 14.41 -16.19
C TYR C 258 4.48 15.07 -16.15
N THR C 259 3.87 15.25 -17.32
CA THR C 259 2.55 15.86 -17.42
C THR C 259 1.57 14.94 -18.11
N CYS C 260 0.42 14.73 -17.47
CA CYS C 260 -0.72 14.06 -18.05
C CYS C 260 -1.39 14.92 -19.11
N HIS C 261 -2.07 14.29 -20.06
CA HIS C 261 -2.66 14.99 -21.20
C HIS C 261 -4.02 14.42 -21.56
N VAL C 262 -5.08 15.08 -21.12
CA VAL C 262 -6.43 14.66 -21.45
C VAL C 262 -6.86 15.28 -22.77
N TYR C 263 -7.69 14.57 -23.52
CA TYR C 263 -8.24 15.05 -24.79
C TYR C 263 -9.69 14.56 -24.92
N HIS C 264 -10.63 15.49 -24.87
CA HIS C 264 -12.04 15.15 -24.93
C HIS C 264 -12.80 16.15 -25.77
N GLN C 265 -13.90 15.73 -26.37
CA GLN C 265 -14.65 16.63 -27.24
C GLN C 265 -15.23 17.81 -26.45
N GLY C 266 -15.65 17.54 -25.20
CA GLY C 266 -16.19 18.56 -24.30
C GLY C 266 -15.19 19.55 -23.72
N LEU C 267 -13.89 19.29 -23.86
CA LEU C 267 -12.85 20.28 -23.55
C LEU C 267 -12.59 21.14 -24.79
N PRO C 268 -12.73 22.46 -24.67
CA PRO C 268 -12.48 23.35 -25.81
C PRO C 268 -10.98 23.46 -26.10
N GLU C 269 -10.18 23.38 -25.04
CA GLU C 269 -8.73 23.34 -25.16
C GLU C 269 -8.23 22.05 -24.52
N PRO C 270 -7.28 21.36 -25.16
CA PRO C 270 -6.78 20.10 -24.63
C PRO C 270 -6.10 20.30 -23.29
N LEU C 271 -6.48 19.51 -22.29
CA LEU C 271 -5.97 19.66 -20.93
C LEU C 271 -4.58 19.07 -20.74
N THR C 272 -3.77 19.72 -19.90
CA THR C 272 -2.46 19.19 -19.48
C THR C 272 -2.26 19.34 -17.95
N LEU C 273 -2.29 18.22 -17.24
CA LEU C 273 -2.10 18.20 -15.79
C LEU C 273 -0.67 17.91 -15.33
N ARG C 274 -0.44 18.09 -14.03
CA ARG C 274 0.75 17.59 -13.33
C ARG C 274 0.55 17.56 -11.80
N TRP C 275 1.38 16.79 -11.11
CA TRP C 275 1.29 16.65 -9.66
C TRP C 275 1.31 17.99 -8.93
N GLU C 276 0.25 18.23 -8.14
CA GLU C 276 0.08 19.45 -7.30
C GLU C 276 -0.19 20.73 -8.11
N ILE D 2 -16.09 -21.36 -29.58
CA ILE D 2 -15.07 -20.26 -29.49
C ILE D 2 -15.33 -19.37 -28.26
N GLN D 3 -14.70 -19.72 -27.14
CA GLN D 3 -14.88 -19.04 -25.84
C GLN D 3 -13.94 -17.83 -25.60
N LYS D 4 -14.43 -16.84 -24.86
CA LYS D 4 -13.64 -15.65 -24.52
C LYS D 4 -13.72 -15.33 -23.02
N THR D 5 -12.67 -14.71 -22.49
CA THR D 5 -12.47 -14.59 -21.03
C THR D 5 -12.96 -13.27 -20.44
N PRO D 6 -13.57 -13.33 -19.26
CA PRO D 6 -14.06 -12.11 -18.59
C PRO D 6 -12.94 -11.18 -18.14
N GLN D 7 -13.25 -9.89 -18.05
CA GLN D 7 -12.25 -8.90 -17.68
C GLN D 7 -12.87 -7.95 -16.66
N ILE D 8 -12.60 -8.27 -15.40
CA ILE D 8 -13.28 -7.66 -14.26
C ILE D 8 -12.57 -6.36 -13.88
N GLN D 9 -13.35 -5.41 -13.38
CA GLN D 9 -12.81 -4.12 -12.96
C GLN D 9 -13.70 -3.52 -11.86
N VAL D 10 -13.22 -3.53 -10.63
CA VAL D 10 -13.98 -3.03 -9.49
C VAL D 10 -13.56 -1.61 -9.20
N TYR D 11 -14.53 -0.73 -8.97
CA TYR D 11 -14.23 0.67 -8.70
C TYR D 11 -15.41 1.42 -8.11
N SER D 12 -15.13 2.42 -7.28
CA SER D 12 -16.16 3.31 -6.74
C SER D 12 -16.69 4.26 -7.83
N ARG D 13 -17.90 4.79 -7.63
CA ARG D 13 -18.54 5.69 -8.61
C ARG D 13 -18.08 7.12 -8.40
N HIS D 14 -18.22 7.56 -7.16
CA HIS D 14 -17.74 8.87 -6.74
C HIS D 14 -16.43 8.66 -6.01
N PRO D 15 -15.58 9.68 -5.97
CA PRO D 15 -14.34 9.63 -5.19
C PRO D 15 -14.62 9.07 -3.80
N PRO D 16 -13.96 7.96 -3.43
CA PRO D 16 -14.28 7.26 -2.18
C PRO D 16 -13.74 7.98 -0.94
N GLU D 17 -14.55 8.86 -0.36
CA GLU D 17 -14.17 9.52 0.90
C GLU D 17 -14.52 8.55 2.01
N ASN D 18 -13.52 8.15 2.79
CA ASN D 18 -13.72 7.10 3.78
C ASN D 18 -14.78 7.49 4.81
N GLY D 19 -15.92 6.81 4.77
CA GLY D 19 -16.99 7.01 5.74
C GLY D 19 -18.33 7.36 5.11
N LYS D 20 -18.29 7.92 3.90
CA LYS D 20 -19.48 8.44 3.22
C LYS D 20 -20.06 7.38 2.28
N PRO D 21 -21.38 7.21 2.28
CA PRO D 21 -22.08 6.37 1.30
C PRO D 21 -21.76 6.67 -0.17
N ASN D 22 -21.79 5.60 -0.95
CA ASN D 22 -21.29 5.56 -2.33
C ASN D 22 -21.92 4.38 -3.09
N ILE D 23 -21.36 4.04 -4.26
CA ILE D 23 -21.75 2.84 -5.01
C ILE D 23 -20.50 2.11 -5.51
N LEU D 24 -20.38 0.82 -5.18
CA LEU D 24 -19.34 -0.03 -5.76
C LEU D 24 -19.80 -0.55 -7.10
N ASN D 25 -18.86 -0.70 -8.04
CA ASN D 25 -19.11 -1.22 -9.39
C ASN D 25 -18.29 -2.49 -9.65
N CYS D 26 -18.76 -3.29 -10.60
CA CYS D 26 -18.04 -4.48 -11.05
C CYS D 26 -18.33 -4.65 -12.53
N TYR D 27 -17.27 -4.61 -13.35
CA TYR D 27 -17.41 -4.38 -14.78
C TYR D 27 -16.76 -5.49 -15.61
N VAL D 28 -17.51 -6.56 -15.84
CA VAL D 28 -17.02 -7.72 -16.57
C VAL D 28 -17.24 -7.54 -18.07
N THR D 29 -16.17 -7.56 -18.86
CA THR D 29 -16.25 -7.32 -20.30
C THR D 29 -15.56 -8.38 -21.15
N GLN D 30 -15.59 -8.17 -22.46
CA GLN D 30 -14.79 -8.94 -23.42
C GLN D 30 -14.91 -10.45 -23.24
N PHE D 31 -16.09 -10.92 -22.83
CA PHE D 31 -16.33 -12.34 -22.58
C PHE D 31 -17.40 -12.92 -23.51
N HIS D 32 -17.53 -14.25 -23.45
CA HIS D 32 -18.35 -15.04 -24.35
C HIS D 32 -18.28 -16.49 -23.88
N PRO D 33 -19.39 -17.21 -23.76
CA PRO D 33 -20.76 -16.75 -24.04
C PRO D 33 -21.37 -15.94 -22.90
N PRO D 34 -22.59 -15.41 -23.09
CA PRO D 34 -23.30 -14.64 -22.05
C PRO D 34 -23.41 -15.26 -20.65
N HIS D 35 -23.57 -16.57 -20.55
CA HIS D 35 -23.85 -17.18 -19.25
C HIS D 35 -22.74 -16.92 -18.24
N ILE D 36 -23.03 -16.06 -17.26
CA ILE D 36 -22.05 -15.69 -16.24
C ILE D 36 -22.71 -15.40 -14.88
N GLU D 37 -22.01 -15.73 -13.79
CA GLU D 37 -22.43 -15.36 -12.43
C GLU D 37 -21.55 -14.22 -11.93
N ILE D 38 -22.17 -13.22 -11.31
CA ILE D 38 -21.47 -12.05 -10.75
C ILE D 38 -22.00 -11.74 -9.35
N GLN D 39 -21.19 -11.99 -8.32
CA GLN D 39 -21.55 -11.71 -6.93
C GLN D 39 -20.49 -10.79 -6.28
N MET D 40 -20.96 -9.67 -5.74
CA MET D 40 -20.11 -8.70 -5.07
C MET D 40 -20.01 -9.10 -3.60
N LEU D 41 -18.85 -8.84 -3.00
CA LEU D 41 -18.53 -9.37 -1.67
C LEU D 41 -18.13 -8.30 -0.66
N LYS D 42 -18.04 -8.71 0.60
CA LYS D 42 -17.66 -7.83 1.70
C LYS D 42 -17.07 -8.71 2.81
N ASN D 43 -15.74 -8.69 2.92
CA ASN D 43 -15.01 -9.52 3.87
C ASN D 43 -15.14 -11.02 3.59
N GLY D 44 -15.73 -11.37 2.45
CA GLY D 44 -15.98 -12.75 2.07
C GLY D 44 -17.45 -13.13 1.86
N LYS D 45 -18.37 -12.37 2.47
CA LYS D 45 -19.80 -12.72 2.44
C LYS D 45 -20.60 -11.82 1.49
N LYS D 46 -21.61 -12.40 0.83
CA LYS D 46 -22.31 -11.77 -0.30
C LYS D 46 -23.17 -10.55 0.08
N ILE D 47 -23.47 -9.74 -0.93
CA ILE D 47 -24.36 -8.59 -0.78
C ILE D 47 -25.70 -8.95 -1.44
N PRO D 48 -26.80 -8.83 -0.70
CA PRO D 48 -28.07 -9.48 -1.06
C PRO D 48 -28.93 -8.81 -2.14
N LYS D 49 -28.54 -7.64 -2.65
CA LYS D 49 -29.38 -6.89 -3.59
C LYS D 49 -28.63 -6.40 -4.85
N VAL D 50 -27.48 -7.00 -5.13
CA VAL D 50 -26.63 -6.54 -6.25
C VAL D 50 -27.46 -6.44 -7.52
N GLU D 51 -27.62 -5.21 -8.01
CA GLU D 51 -28.37 -4.93 -9.24
C GLU D 51 -27.46 -5.15 -10.44
N MET D 52 -27.94 -5.87 -11.45
CA MET D 52 -27.11 -6.20 -12.62
C MET D 52 -27.71 -5.63 -13.90
N SER D 53 -26.85 -5.27 -14.84
CA SER D 53 -27.29 -4.74 -16.13
C SER D 53 -27.65 -5.91 -17.06
N ASP D 54 -28.60 -5.68 -17.96
CA ASP D 54 -29.11 -6.74 -18.83
C ASP D 54 -28.10 -7.11 -19.93
N MET D 55 -28.08 -8.40 -20.28
CA MET D 55 -27.14 -8.91 -21.29
C MET D 55 -27.13 -8.11 -22.58
N SER D 56 -26.13 -7.25 -22.72
CA SER D 56 -25.92 -6.52 -23.97
C SER D 56 -24.45 -6.58 -24.37
N PHE D 57 -24.12 -6.03 -25.53
CA PHE D 57 -22.76 -6.08 -26.06
C PHE D 57 -22.36 -4.87 -26.90
N SER D 58 -21.13 -4.89 -27.43
CA SER D 58 -20.55 -3.75 -28.13
C SER D 58 -20.48 -3.98 -29.65
N LYS D 59 -19.75 -3.12 -30.35
CA LYS D 59 -19.62 -3.25 -31.82
C LYS D 59 -18.98 -4.57 -32.23
N ASP D 60 -17.86 -4.94 -31.61
CA ASP D 60 -17.13 -6.17 -31.97
C ASP D 60 -17.76 -7.46 -31.37
N TRP D 61 -18.97 -7.31 -30.82
CA TRP D 61 -19.80 -8.39 -30.29
C TRP D 61 -19.44 -8.86 -28.88
N SER D 62 -18.47 -8.21 -28.25
CA SER D 62 -18.00 -8.64 -26.94
C SER D 62 -18.99 -8.21 -25.86
N PHE D 63 -19.38 -9.17 -25.03
CA PHE D 63 -20.40 -8.95 -24.00
C PHE D 63 -19.91 -8.09 -22.83
N TYR D 64 -20.87 -7.61 -22.04
CA TYR D 64 -20.71 -6.48 -21.10
C TYR D 64 -21.69 -6.73 -19.96
N ILE D 65 -21.25 -6.69 -18.70
CA ILE D 65 -22.20 -6.50 -17.61
C ILE D 65 -21.65 -5.51 -16.59
N LEU D 66 -22.55 -4.74 -15.99
CA LEU D 66 -22.22 -3.80 -14.94
C LEU D 66 -23.09 -4.08 -13.71
N ALA D 67 -22.58 -4.93 -12.82
CA ALA D 67 -23.19 -5.12 -11.51
C ALA D 67 -22.83 -3.95 -10.61
N HIS D 68 -23.74 -3.57 -9.73
CA HIS D 68 -23.50 -2.47 -8.79
C HIS D 68 -24.23 -2.68 -7.46
N THR D 69 -23.92 -1.84 -6.47
CA THR D 69 -24.51 -1.94 -5.14
C THR D 69 -24.05 -0.78 -4.25
N GLU D 70 -24.91 -0.38 -3.31
CA GLU D 70 -24.59 0.68 -2.36
C GLU D 70 -23.65 0.18 -1.27
N PHE D 71 -22.52 0.87 -1.07
CA PHE D 71 -21.58 0.54 -0.01
C PHE D 71 -21.00 1.77 0.66
N THR D 72 -20.63 1.64 1.92
CA THR D 72 -19.96 2.69 2.67
C THR D 72 -18.54 2.23 3.00
N PRO D 73 -17.54 2.79 2.33
CA PRO D 73 -16.15 2.32 2.51
C PRO D 73 -15.49 2.85 3.78
N THR D 74 -15.39 1.98 4.78
CA THR D 74 -14.84 2.38 6.08
C THR D 74 -13.33 2.13 6.11
N GLU D 75 -12.73 2.38 7.28
CA GLU D 75 -11.29 2.16 7.52
C GLU D 75 -10.66 1.03 6.68
N THR D 76 -11.20 -0.19 6.79
CA THR D 76 -10.61 -1.35 6.09
C THR D 76 -11.65 -2.20 5.36
N ASP D 77 -12.56 -2.81 6.12
CA ASP D 77 -13.51 -3.80 5.59
C ASP D 77 -13.47 -3.92 4.07
N THR D 78 -12.76 -4.94 3.57
CA THR D 78 -12.49 -5.10 2.15
C THR D 78 -13.69 -5.54 1.32
N TYR D 79 -13.82 -4.96 0.13
CA TYR D 79 -14.87 -5.33 -0.81
C TYR D 79 -14.27 -6.02 -2.03
N ALA D 80 -15.10 -6.74 -2.79
CA ALA D 80 -14.61 -7.54 -3.93
C ALA D 80 -15.70 -7.94 -4.96
N CYS D 81 -15.26 -8.67 -5.99
CA CYS D 81 -16.15 -9.20 -7.01
C CYS D 81 -15.64 -10.57 -7.49
N ARG D 82 -16.38 -11.62 -7.15
CA ARG D 82 -16.12 -12.98 -7.65
C ARG D 82 -16.94 -13.21 -8.91
N VAL D 83 -16.37 -13.98 -9.84
CA VAL D 83 -17.00 -14.20 -11.13
C VAL D 83 -16.83 -15.64 -11.57
N LYS D 84 -17.96 -16.32 -11.76
CA LYS D 84 -18.00 -17.69 -12.22
C LYS D 84 -18.23 -17.69 -13.75
N HIS D 85 -17.47 -18.51 -14.48
CA HIS D 85 -17.67 -18.65 -15.92
C HIS D 85 -17.20 -20.03 -16.43
N ASP D 86 -17.82 -20.46 -17.54
CA ASP D 86 -17.38 -21.65 -18.29
C ASP D 86 -16.14 -21.36 -19.17
N SER D 87 -15.67 -20.12 -19.16
CA SER D 87 -14.47 -19.73 -19.88
C SER D 87 -13.23 -20.04 -19.07
N MET D 88 -13.42 -20.23 -17.76
CA MET D 88 -12.35 -20.55 -16.83
C MET D 88 -12.93 -21.26 -15.61
N ALA D 89 -12.47 -22.50 -15.38
CA ALA D 89 -12.90 -23.28 -14.22
C ALA D 89 -12.23 -22.80 -12.92
N GLU D 90 -11.55 -21.65 -12.99
CA GLU D 90 -10.92 -21.03 -11.83
C GLU D 90 -11.51 -19.60 -11.68
N PRO D 91 -12.52 -19.46 -10.82
CA PRO D 91 -13.19 -18.16 -10.62
C PRO D 91 -12.20 -17.04 -10.34
N LYS D 92 -12.12 -16.03 -11.22
CA LYS D 92 -11.27 -14.87 -10.96
C LYS D 92 -11.89 -14.03 -9.85
N THR D 93 -11.01 -13.46 -9.03
CA THR D 93 -11.42 -12.70 -7.85
C THR D 93 -10.67 -11.37 -7.80
N VAL D 94 -11.33 -10.32 -8.29
CA VAL D 94 -10.78 -8.97 -8.24
C VAL D 94 -11.24 -8.28 -6.96
N TYR D 95 -10.28 -7.80 -6.18
CA TYR D 95 -10.57 -7.05 -4.97
C TYR D 95 -10.54 -5.56 -5.28
N TRP D 96 -11.25 -4.78 -4.47
CA TRP D 96 -11.33 -3.34 -4.66
C TRP D 96 -10.08 -2.65 -4.10
N ASP D 97 -9.69 -1.60 -4.80
CA ASP D 97 -8.56 -0.75 -4.43
C ASP D 97 -9.04 0.69 -4.66
N ARG D 98 -9.03 1.52 -3.62
CA ARG D 98 -9.56 2.90 -3.74
C ARG D 98 -8.71 3.80 -4.63
N ASP D 99 -7.45 3.45 -4.81
CA ASP D 99 -6.53 4.19 -5.68
C ASP D 99 -6.72 3.86 -7.17
N MET D 100 -7.36 2.73 -7.46
CA MET D 100 -7.59 2.28 -8.83
C MET D 100 -9.08 2.20 -9.19
N SER E 1 29.39 11.45 39.53
CA SER E 1 30.71 11.84 38.95
C SER E 1 31.58 10.64 38.61
N GLU E 2 32.33 10.77 37.53
CA GLU E 2 33.35 9.80 37.14
C GLU E 2 34.63 9.89 38.00
N PHE E 3 35.58 9.04 37.71
CA PHE E 3 36.84 9.00 38.44
C PHE E 3 37.97 8.92 37.43
N LEU E 4 39.20 9.19 37.88
CA LEU E 4 40.35 9.16 37.01
C LEU E 4 41.00 7.78 37.01
N LEU E 5 40.81 7.05 35.91
CA LEU E 5 41.52 5.80 35.63
C LEU E 5 42.95 5.83 36.17
N GLU E 6 43.31 4.76 36.89
CA GLU E 6 44.64 4.60 37.49
C GLU E 6 45.36 3.36 37.01
N LYS E 7 44.75 2.66 36.05
CA LYS E 7 45.34 1.50 35.42
C LYS E 7 45.39 1.77 33.92
N ARG E 8 46.41 1.23 33.28
CA ARG E 8 46.55 1.27 31.83
C ARG E 8 46.86 -0.15 31.35
N ILE E 9 46.27 -0.56 30.22
CA ILE E 9 46.31 -1.97 29.83
C ILE E 9 47.73 -2.47 29.52
N SER F 1 -39.88 1.74 -31.25
CA SER F 1 -40.43 0.35 -31.26
C SER F 1 -39.68 -0.54 -32.25
N GLU F 2 -39.52 -1.80 -31.87
CA GLU F 2 -38.95 -2.83 -32.74
C GLU F 2 -39.92 -3.28 -33.84
N PHE F 3 -39.45 -4.20 -34.69
CA PHE F 3 -40.23 -4.72 -35.79
C PHE F 3 -40.08 -6.22 -35.81
N LEU F 4 -40.99 -6.91 -36.50
CA LEU F 4 -40.96 -8.36 -36.56
C LEU F 4 -40.13 -8.83 -37.76
N LEU F 5 -38.94 -9.35 -37.46
CA LEU F 5 -38.09 -10.03 -38.43
C LEU F 5 -38.91 -10.84 -39.43
N GLU F 6 -38.60 -10.66 -40.70
CA GLU F 6 -39.27 -11.32 -41.81
C GLU F 6 -38.31 -12.15 -42.67
N LYS F 7 -37.08 -12.26 -42.22
CA LYS F 7 -36.09 -13.11 -42.87
C LYS F 7 -35.58 -14.11 -41.83
N ARG F 8 -35.21 -15.29 -42.30
CA ARG F 8 -34.59 -16.29 -41.46
C ARG F 8 -33.37 -16.81 -42.22
N ILE F 9 -32.27 -17.07 -41.50
CA ILE F 9 -31.00 -17.31 -42.16
C ILE F 9 -30.97 -18.60 -43.01
#